data_2RF2
#
_entry.id   2RF2
#
_cell.length_a   119.290
_cell.length_b   155.810
_cell.length_c   155.860
_cell.angle_alpha   90.00
_cell.angle_beta   90.00
_cell.angle_gamma   90.00
#
_symmetry.space_group_name_H-M   'C 2 2 21'
#
loop_
_entity.id
_entity.type
_entity.pdbx_description
1 polymer 'Reverse transcriptase/ribonuclease H (EC 2.7.7.49) (EC 2.7.7.7) (EC 3.1.26.4) (p66 RT)'
2 polymer 'Reverse transcriptase/ribonuclease H (EC 2.7.7.49) (EC 2.7.7.7) (EC 3.1.26.4) (p66 RT)'
3 non-polymer 5-bromo-3-(pyrrolidin-1-ylsulfonyl)-1H-indole-2-carboxamide
4 water water
#
loop_
_entity_poly.entity_id
_entity_poly.type
_entity_poly.pdbx_seq_one_letter_code
_entity_poly.pdbx_strand_id
1 'polypeptide(L)'
;MNSPISPIETVPVKLKPGMDGPKVKQWPLTEEKIKALVEICTEMEKEGKISKIGPENPYNTPVFAIKKKDSTKWRKLVDF
RELNKRTQDFWEVQLGIPHPAGLKKKKSVTVLDVGDAYFSVPLDEDFRKYTAFTIPSINNETPGIRYQYNVLPQGWKGSP
AIFQSSMTKILEPFRKQNPDIVIYQYMDDLYVGSDLEIGQHRTKIEELRQHLLRWGLTTPDKKHQKEPPFLWMGYELHPD
KWTVQPIVLPEKDSWTVNDIQKLVGKLNWASQIYPGIKVRQLCKLLRGTKALTEVIPLTEEAELELAENREILKEPVHGV
YYDPSKDLIAEIQKQGQGQWTYQIYQEPFKNLKTGKYARMRGAHTNDVKQLTEAVQKITTESIVIWGKTPKFKLPIQKET
WETWWTEYWQATWIPEWEFVNTPPLVKLWYQLEKEPIVGAETFYVDGAANRETKLGKAGYVTNRGRQKVVTLTDTTNQKT
ELQAIYLALQDSGLEVNIVTDSQYALGIIQAQPDQSESELVNQIIEQLIKKEKVYLAWVPAHKGIGGNEQVDKLVSAGIR
KVL
;
A
2 'polypeptide(L)'
;MNSPISPIETVPVKLKPGMDGPKVKQWPLTEEKIKALVEICTEMEKEGKISKIGPENPYNTPVFAIKKKDSTKWRKLVDF
RELNKRTQDFWEVQLGIPHPAGLKKKKSVTVLDVGDAYFSVPLDEDFRKYTAFTIPSINNETPGIRYQYNVLPQGWKGSP
AIFQSSMTKILEPFRKQNPDIVIYQYMDDLYVGSDLEIGQHRTKIEELRQHLLRWGLTTPDKKHQKEPPFLWMGYELHPD
KWTVQPIVLPEKDSWTVNDIQKLVGKLNWASQIYPGIKVRQLCKLLRGTKALTEVIPLTEEAELELAENREILKEPVHGV
YYDPSKDLIAEIQKQGQGQWTYQIYQEPFKNLKTGKYARMRGAHTNDVKQLTEAVQKITTESIVIWGKTPKFKLPIQKET
WETWWTEYWQATWIPEWEFVNTPPLVKLWYQLEKEPIVGAETF
;
B
#
loop_
_chem_comp.id
_chem_comp.type
_chem_comp.name
_chem_comp.formula
MRX non-polymer 5-bromo-3-(pyrrolidin-1-ylsulfonyl)-1H-indole-2-carboxamide 'C13 H14 Br N3 O3 S'
#
# COMPACT_ATOMS: atom_id res chain seq x y z
N PRO A 4 -44.42 -1.33 -11.19
CA PRO A 4 -44.21 -2.27 -10.06
C PRO A 4 -43.02 -1.88 -9.17
N ILE A 5 -43.29 -1.83 -7.87
CA ILE A 5 -42.31 -1.52 -6.86
C ILE A 5 -42.08 -2.89 -6.21
N SER A 6 -40.81 -3.27 -6.02
CA SER A 6 -40.41 -4.56 -5.46
C SER A 6 -40.93 -4.78 -4.01
N PRO A 7 -41.32 -6.02 -3.69
CA PRO A 7 -41.79 -6.46 -2.36
C PRO A 7 -40.60 -6.71 -1.42
N ILE A 8 -39.42 -6.26 -1.84
CA ILE A 8 -38.18 -6.49 -1.11
C ILE A 8 -38.12 -5.70 0.18
N GLU A 9 -37.51 -6.28 1.21
CA GLU A 9 -37.40 -5.60 2.48
C GLU A 9 -36.63 -4.31 2.22
N THR A 10 -36.79 -3.39 3.14
CA THR A 10 -36.26 -2.04 3.02
C THR A 10 -34.94 -1.84 3.75
N VAL A 11 -34.11 -0.89 3.29
CA VAL A 11 -32.83 -0.61 3.96
C VAL A 11 -33.00 0.56 4.90
N PRO A 12 -32.68 0.38 6.20
CA PRO A 12 -32.85 1.53 7.10
C PRO A 12 -31.84 2.64 6.80
N VAL A 13 -32.34 3.88 6.73
CA VAL A 13 -31.52 5.04 6.41
C VAL A 13 -31.54 6.10 7.50
N LYS A 14 -30.43 6.81 7.66
CA LYS A 14 -30.29 7.84 8.67
C LYS A 14 -29.63 9.11 8.16
N LEU A 15 -29.99 10.21 8.80
CA LEU A 15 -29.33 11.47 8.51
C LEU A 15 -27.99 11.45 9.29
N LYS A 16 -27.00 12.21 8.81
CA LYS A 16 -25.74 12.30 9.49
C LYS A 16 -26.05 12.82 10.89
N PRO A 17 -25.22 12.42 11.88
CA PRO A 17 -25.36 12.78 13.30
C PRO A 17 -25.42 14.28 13.56
N GLY A 18 -26.41 14.69 14.36
CA GLY A 18 -26.63 16.07 14.75
C GLY A 18 -27.17 16.96 13.63
N MET A 19 -27.89 16.35 12.68
CA MET A 19 -28.45 17.09 11.56
C MET A 19 -29.93 16.74 11.41
N ASP A 20 -30.70 17.68 10.88
CA ASP A 20 -32.12 17.47 10.62
C ASP A 20 -32.29 17.52 9.09
N GLY A 21 -33.43 17.07 8.58
CA GLY A 21 -33.72 17.07 7.15
C GLY A 21 -33.64 18.43 6.51
N PRO A 22 -33.57 18.48 5.16
CA PRO A 22 -33.45 19.77 4.46
C PRO A 22 -34.71 20.66 4.56
N LYS A 23 -34.51 21.97 4.51
CA LYS A 23 -35.65 22.87 4.56
C LYS A 23 -35.44 24.02 3.58
N VAL A 24 -35.21 23.68 2.31
CA VAL A 24 -34.93 24.67 1.27
C VAL A 24 -36.19 25.15 0.54
N LYS A 25 -36.36 26.46 0.47
CA LYS A 25 -37.58 27.01 -0.11
C LYS A 25 -37.67 26.87 -1.61
N GLN A 26 -38.89 26.66 -2.08
CA GLN A 26 -39.21 26.49 -3.48
C GLN A 26 -39.29 27.82 -4.23
N TRP A 27 -38.52 27.96 -5.31
CA TRP A 27 -38.56 29.14 -6.17
C TRP A 27 -39.90 29.11 -6.92
N PRO A 28 -40.50 30.30 -7.16
CA PRO A 28 -41.76 30.30 -7.91
C PRO A 28 -41.47 29.94 -9.36
N LEU A 29 -42.38 29.14 -9.97
CA LEU A 29 -42.13 28.67 -11.34
C LEU A 29 -43.12 29.25 -12.31
N THR A 30 -42.85 29.14 -13.61
CA THR A 30 -43.81 29.61 -14.62
C THR A 30 -45.04 28.68 -14.55
N GLU A 31 -46.14 29.12 -15.13
CA GLU A 31 -47.38 28.36 -15.16
C GLU A 31 -47.25 27.06 -15.94
N GLU A 32 -46.57 27.11 -17.08
CA GLU A 32 -46.36 25.93 -17.91
C GLU A 32 -45.57 24.86 -17.17
N LYS A 33 -44.63 25.29 -16.31
CA LYS A 33 -43.78 24.42 -15.50
C LYS A 33 -44.56 23.79 -14.37
N ILE A 34 -45.41 24.59 -13.74
CA ILE A 34 -46.27 24.09 -12.65
C ILE A 34 -47.19 23.01 -13.23
N LYS A 35 -47.73 23.31 -14.40
CA LYS A 35 -48.63 22.42 -15.10
C LYS A 35 -47.94 21.11 -15.50
N ALA A 36 -46.79 21.22 -16.16
CA ALA A 36 -46.02 20.05 -16.53
C ALA A 36 -45.77 19.20 -15.28
N LEU A 37 -45.47 19.85 -14.16
CA LEU A 37 -45.19 19.16 -12.88
C LEU A 37 -46.43 18.53 -12.28
N VAL A 38 -47.57 19.18 -12.46
CA VAL A 38 -48.77 18.62 -11.88
C VAL A 38 -49.05 17.30 -12.62
N GLU A 39 -48.93 17.29 -13.94
CA GLU A 39 -49.16 16.08 -14.74
C GLU A 39 -48.19 14.95 -14.38
N ILE A 40 -46.89 15.28 -14.31
CA ILE A 40 -45.86 14.29 -13.98
C ILE A 40 -46.14 13.64 -12.64
N CYS A 41 -46.38 14.43 -11.62
CA CYS A 41 -46.65 13.90 -10.27
C CYS A 41 -47.93 13.06 -10.14
N THR A 42 -49.05 13.54 -10.67
CA THR A 42 -50.28 12.77 -10.60
C THR A 42 -50.03 11.39 -11.21
N GLU A 43 -49.30 11.34 -12.31
CA GLU A 43 -48.96 10.05 -12.89
C GLU A 43 -48.07 9.22 -11.92
N MET A 44 -47.06 9.85 -11.32
CA MET A 44 -46.18 9.13 -10.39
C MET A 44 -46.90 8.66 -9.14
N GLU A 45 -47.91 9.44 -8.72
CA GLU A 45 -48.71 9.15 -7.54
C GLU A 45 -49.68 8.01 -7.84
N LYS A 46 -50.18 8.00 -9.06
CA LYS A 46 -51.07 6.94 -9.52
C LYS A 46 -50.28 5.66 -9.75
N GLU A 47 -49.03 5.61 -9.33
CA GLU A 47 -48.23 4.40 -9.53
C GLU A 47 -47.53 3.99 -8.26
N GLY A 48 -47.81 4.70 -7.18
CA GLY A 48 -47.22 4.42 -5.90
C GLY A 48 -45.81 4.98 -5.70
N LYS A 49 -45.17 5.47 -6.77
CA LYS A 49 -43.82 6.05 -6.66
C LYS A 49 -43.73 7.22 -5.65
N ILE A 50 -44.75 8.07 -5.59
CA ILE A 50 -44.74 9.20 -4.65
C ILE A 50 -46.06 9.27 -3.92
N SER A 51 -46.10 10.05 -2.83
CA SER A 51 -47.36 10.21 -2.09
C SER A 51 -47.58 11.64 -1.61
N LYS A 52 -48.83 12.08 -1.58
CA LYS A 52 -49.10 13.45 -1.11
C LYS A 52 -49.07 13.56 0.41
N ILE A 53 -48.56 14.68 0.88
CA ILE A 53 -48.48 14.93 2.30
C ILE A 53 -48.95 16.37 2.54
N GLY A 54 -48.97 16.79 3.80
CA GLY A 54 -49.40 18.14 4.11
C GLY A 54 -48.33 19.14 4.52
N PRO A 55 -48.76 20.26 5.15
CA PRO A 55 -47.95 21.38 5.64
C PRO A 55 -47.45 21.04 7.03
N GLU A 56 -47.82 19.85 7.51
CA GLU A 56 -47.34 19.34 8.79
C GLU A 56 -45.86 18.85 8.68
N ASN A 57 -45.50 18.17 7.59
CA ASN A 57 -44.12 17.77 7.37
C ASN A 57 -43.34 19.07 7.13
N PRO A 58 -42.20 19.22 7.78
CA PRO A 58 -41.57 20.53 7.62
C PRO A 58 -40.39 20.65 6.68
N TYR A 59 -40.01 19.55 6.03
CA TYR A 59 -38.85 19.57 5.12
C TYR A 59 -39.19 19.97 3.70
N ASN A 60 -38.18 20.37 2.95
CA ASN A 60 -38.42 20.72 1.57
C ASN A 60 -37.16 20.68 0.70
N THR A 61 -37.38 20.29 -0.55
CA THR A 61 -36.35 20.21 -1.57
C THR A 61 -36.85 20.86 -2.86
N PRO A 62 -36.05 21.74 -3.45
CA PRO A 62 -36.52 22.35 -4.70
C PRO A 62 -36.85 21.35 -5.81
N VAL A 63 -37.84 21.71 -6.64
CA VAL A 63 -38.22 20.98 -7.85
C VAL A 63 -38.18 21.97 -8.98
N PHE A 64 -37.78 21.47 -10.13
CA PHE A 64 -37.74 22.24 -11.36
C PHE A 64 -38.32 21.38 -12.45
N ALA A 65 -38.54 22.00 -13.59
CA ALA A 65 -39.14 21.31 -14.69
C ALA A 65 -38.41 21.77 -15.93
N ILE A 66 -37.92 20.80 -16.72
CA ILE A 66 -37.26 21.11 -17.98
C ILE A 66 -37.73 20.26 -19.16
N LYS A 67 -37.55 20.81 -20.36
CA LYS A 67 -37.92 20.18 -21.63
C LYS A 67 -36.92 19.14 -22.12
N SER A 71 -37.55 15.94 -28.37
CA SER A 71 -36.96 17.06 -27.63
C SER A 71 -38.01 17.95 -26.93
N THR A 72 -39.28 17.75 -27.27
CA THR A 72 -40.36 18.53 -26.65
C THR A 72 -41.34 17.72 -25.79
N LYS A 73 -40.84 17.37 -24.62
CA LYS A 73 -41.54 16.64 -23.57
C LYS A 73 -40.94 17.22 -22.28
N TRP A 74 -41.72 17.27 -21.21
CA TRP A 74 -41.26 17.82 -19.94
C TRP A 74 -40.65 16.76 -19.04
N ARG A 75 -39.65 17.17 -18.26
CA ARG A 75 -39.00 16.27 -17.31
C ARG A 75 -38.96 16.95 -15.94
N LYS A 76 -39.13 16.18 -14.87
CA LYS A 76 -39.07 16.72 -13.52
C LYS A 76 -37.64 16.61 -12.94
N LEU A 77 -37.14 17.69 -12.33
CA LEU A 77 -35.78 17.68 -11.76
C LEU A 77 -35.80 18.03 -10.28
N VAL A 78 -35.45 17.08 -9.42
CA VAL A 78 -35.41 17.34 -7.97
C VAL A 78 -33.96 17.56 -7.59
N ASP A 79 -33.68 18.67 -6.91
CA ASP A 79 -32.32 19.05 -6.53
C ASP A 79 -32.03 18.57 -5.13
N PHE A 80 -31.49 17.35 -5.02
CA PHE A 80 -31.21 16.73 -3.72
C PHE A 80 -29.91 17.12 -3.05
N ARG A 81 -29.21 18.10 -3.60
CA ARG A 81 -27.95 18.62 -3.02
C ARG A 81 -27.94 18.73 -1.51
N GLU A 82 -28.93 19.44 -0.97
CA GLU A 82 -29.05 19.63 0.46
C GLU A 82 -29.38 18.34 1.24
N LEU A 83 -30.31 17.53 0.74
CA LEU A 83 -30.63 16.30 1.46
C LEU A 83 -29.35 15.40 1.44
N ASN A 84 -28.64 15.41 0.31
CA ASN A 84 -27.43 14.62 0.15
C ASN A 84 -26.35 14.96 1.16
N LYS A 85 -26.20 16.23 1.44
CA LYS A 85 -25.23 16.65 2.44
C LYS A 85 -25.60 16.20 3.88
N ARG A 86 -26.88 15.92 4.11
CA ARG A 86 -27.35 15.53 5.44
C ARG A 86 -27.53 14.04 5.61
N THR A 87 -27.37 13.31 4.52
CA THR A 87 -27.56 11.88 4.53
C THR A 87 -26.29 11.15 4.94
N GLN A 88 -26.46 10.05 5.66
CA GLN A 88 -25.33 9.24 6.09
C GLN A 88 -24.54 8.77 4.86
N ASP A 89 -23.28 8.39 5.10
CA ASP A 89 -22.42 7.84 4.06
C ASP A 89 -22.82 6.36 3.97
N PHE A 90 -22.62 5.75 2.81
CA PHE A 90 -22.96 4.33 2.64
C PHE A 90 -21.71 3.58 2.27
N TRP A 91 -21.83 2.27 2.11
CA TRP A 91 -20.73 1.45 1.60
C TRP A 91 -20.58 1.70 0.09
N GLU A 92 -19.35 1.69 -0.43
CA GLU A 92 -19.11 1.92 -1.86
C GLU A 92 -19.82 0.93 -2.78
N VAL A 93 -20.41 1.47 -3.85
CA VAL A 93 -21.14 0.65 -4.84
C VAL A 93 -20.22 -0.44 -5.43
N GLN A 94 -19.20 -0.01 -6.19
CA GLN A 94 -18.22 -0.99 -6.71
C GLN A 94 -16.78 -0.69 -6.21
N LEU A 95 -16.05 -1.71 -5.80
CA LEU A 95 -14.68 -1.48 -5.32
C LEU A 95 -13.66 -1.41 -6.47
N GLY A 96 -14.11 -1.78 -7.66
CA GLY A 96 -13.32 -1.77 -8.86
C GLY A 96 -14.23 -2.35 -9.92
N ILE A 97 -13.82 -2.25 -11.18
CA ILE A 97 -14.59 -2.86 -12.23
C ILE A 97 -13.86 -4.05 -12.86
N PRO A 98 -14.62 -5.08 -13.27
CA PRO A 98 -13.76 -6.17 -13.75
C PRO A 98 -12.92 -5.77 -14.97
N HIS A 99 -11.72 -6.34 -15.11
CA HIS A 99 -10.96 -6.18 -16.35
C HIS A 99 -11.38 -7.30 -17.31
N PRO A 100 -11.64 -6.98 -18.58
CA PRO A 100 -12.04 -8.08 -19.47
C PRO A 100 -11.07 -9.29 -19.49
N ALA A 101 -9.75 -9.03 -19.38
CA ALA A 101 -8.71 -10.07 -19.37
C ALA A 101 -8.93 -11.12 -18.29
N GLY A 102 -9.69 -10.74 -17.26
CA GLY A 102 -9.94 -11.62 -16.12
C GLY A 102 -11.22 -12.46 -16.22
N LEU A 103 -12.07 -12.14 -17.19
CA LEU A 103 -13.31 -12.88 -17.39
C LEU A 103 -13.02 -14.23 -18.04
N LYS A 104 -13.97 -15.15 -17.91
CA LYS A 104 -13.86 -16.46 -18.53
C LYS A 104 -14.65 -16.43 -19.81
N LYS A 105 -14.21 -17.25 -20.74
CA LYS A 105 -14.85 -17.35 -22.04
C LYS A 105 -16.25 -17.94 -21.80
N LYS A 106 -17.23 -17.47 -22.57
CA LYS A 106 -18.61 -17.96 -22.37
C LYS A 106 -19.24 -18.38 -23.70
N LYS A 107 -20.09 -19.41 -23.66
CA LYS A 107 -20.72 -19.93 -24.89
C LYS A 107 -21.79 -18.95 -25.37
N SER A 108 -22.69 -18.62 -24.45
CA SER A 108 -23.81 -17.72 -24.76
C SER A 108 -23.81 -16.63 -23.69
N VAL A 109 -24.13 -15.40 -24.08
CA VAL A 109 -24.18 -14.31 -23.14
C VAL A 109 -25.27 -13.30 -23.52
N THR A 110 -26.03 -12.86 -22.53
CA THR A 110 -27.13 -11.89 -22.72
C THR A 110 -27.06 -10.75 -21.69
N VAL A 111 -27.64 -9.60 -22.07
CA VAL A 111 -27.79 -8.45 -21.17
C VAL A 111 -29.27 -8.06 -21.03
N LEU A 112 -29.70 -7.97 -19.78
CA LEU A 112 -31.05 -7.54 -19.45
C LEU A 112 -30.93 -6.15 -18.79
N ASP A 113 -31.60 -5.13 -19.33
CA ASP A 113 -31.54 -3.81 -18.72
C ASP A 113 -32.76 -3.74 -17.82
N VAL A 114 -32.56 -3.36 -16.56
CA VAL A 114 -33.67 -3.30 -15.61
C VAL A 114 -34.49 -2.04 -15.82
N GLY A 115 -35.77 -2.23 -16.07
CA GLY A 115 -36.69 -1.13 -16.32
C GLY A 115 -37.06 -0.36 -15.08
N ASP A 116 -36.95 0.97 -15.21
CA ASP A 116 -37.27 1.90 -14.12
C ASP A 116 -36.62 1.51 -12.81
N ALA A 117 -35.39 1.03 -12.91
CA ALA A 117 -34.54 0.56 -11.81
C ALA A 117 -34.89 1.05 -10.40
N TYR A 118 -34.50 2.30 -10.11
CA TYR A 118 -34.67 2.93 -8.80
C TYR A 118 -36.11 2.93 -8.38
N PHE A 119 -36.95 3.36 -9.31
CA PHE A 119 -38.35 3.48 -9.06
C PHE A 119 -39.07 2.17 -8.76
N SER A 120 -38.31 1.08 -8.73
CA SER A 120 -38.89 -0.23 -8.40
C SER A 120 -38.49 -0.69 -6.99
N VAL A 121 -37.64 0.09 -6.32
CA VAL A 121 -37.27 -0.26 -4.98
C VAL A 121 -37.74 0.78 -3.99
N PRO A 122 -38.40 0.32 -2.95
CA PRO A 122 -39.04 1.09 -1.89
C PRO A 122 -38.02 1.81 -1.01
N LEU A 123 -38.43 2.92 -0.43
CA LEU A 123 -37.56 3.69 0.41
C LEU A 123 -37.95 3.46 1.86
N ASP A 124 -36.99 3.45 2.76
CA ASP A 124 -37.25 3.26 4.17
C ASP A 124 -38.42 4.19 4.60
N GLU A 125 -39.50 3.61 5.13
CA GLU A 125 -40.69 4.38 5.58
C GLU A 125 -40.31 5.59 6.43
N ASP A 126 -39.37 5.40 7.33
CA ASP A 126 -39.01 6.46 8.27
C ASP A 126 -38.18 7.57 7.68
N PHE A 127 -37.81 7.42 6.41
CA PHE A 127 -36.92 8.39 5.77
C PHE A 127 -37.65 9.22 4.72
N ARG A 128 -38.71 8.66 4.16
CA ARG A 128 -39.51 9.29 3.11
C ARG A 128 -39.79 10.76 3.35
N LYS A 129 -40.04 11.07 4.60
CA LYS A 129 -40.30 12.42 5.04
C LYS A 129 -39.32 13.47 4.61
N TYR A 130 -38.04 13.13 4.56
CA TYR A 130 -37.02 14.10 4.15
C TYR A 130 -36.95 14.28 2.65
N THR A 131 -37.72 13.48 1.91
CA THR A 131 -37.79 13.57 0.44
C THR A 131 -38.90 14.53 -0.02
N ALA A 132 -39.51 15.22 0.94
CA ALA A 132 -40.59 16.19 0.67
C ALA A 132 -40.24 17.28 -0.34
N PHE A 133 -41.09 17.46 -1.34
CA PHE A 133 -40.95 18.57 -2.29
C PHE A 133 -42.29 19.30 -2.50
N THR A 134 -42.23 20.52 -3.02
CA THR A 134 -43.46 21.28 -3.21
C THR A 134 -43.63 21.79 -4.63
N ILE A 135 -44.79 21.55 -5.25
CA ILE A 135 -45.08 22.19 -6.56
C ILE A 135 -45.68 23.55 -6.24
N PRO A 136 -44.99 24.62 -6.64
CA PRO A 136 -45.71 25.81 -6.19
C PRO A 136 -47.04 26.16 -6.90
N SER A 137 -47.85 26.92 -6.16
CA SER A 137 -49.12 27.51 -6.59
C SER A 137 -48.80 28.58 -7.63
N ILE A 138 -49.80 28.95 -8.44
CA ILE A 138 -49.59 30.00 -9.43
C ILE A 138 -49.30 31.34 -8.77
N ASN A 139 -48.21 31.95 -9.21
CA ASN A 139 -47.69 33.17 -8.61
C ASN A 139 -47.60 33.12 -7.10
N ASN A 140 -47.26 31.94 -6.60
CA ASN A 140 -46.99 31.72 -5.18
C ASN A 140 -48.10 32.09 -4.21
N GLU A 141 -49.07 32.85 -4.69
CA GLU A 141 -50.21 33.21 -3.86
C GLU A 141 -50.87 31.85 -3.66
N THR A 142 -51.17 31.47 -2.40
CA THR A 142 -51.77 30.17 -2.06
C THR A 142 -50.73 29.14 -1.58
N PRO A 143 -51.19 27.92 -1.23
CA PRO A 143 -50.20 26.93 -0.81
C PRO A 143 -49.41 26.30 -1.94
N GLY A 144 -49.33 24.98 -1.91
CA GLY A 144 -48.58 24.23 -2.89
C GLY A 144 -48.95 22.77 -2.73
N ILE A 145 -48.73 22.01 -3.79
CA ILE A 145 -48.99 20.58 -3.73
C ILE A 145 -47.72 19.94 -3.15
N ARG A 146 -47.91 19.09 -2.14
CA ARG A 146 -46.79 18.48 -1.48
C ARG A 146 -46.75 16.99 -1.51
N TYR A 147 -45.61 16.46 -1.95
CA TYR A 147 -45.43 15.01 -2.09
C TYR A 147 -44.17 14.59 -1.36
N GLN A 148 -44.01 13.29 -1.20
CA GLN A 148 -42.80 12.70 -0.63
C GLN A 148 -42.64 11.40 -1.40
N TYR A 149 -41.42 10.90 -1.51
CA TYR A 149 -41.12 9.66 -2.26
C TYR A 149 -41.38 8.37 -1.52
N ASN A 150 -41.82 7.35 -2.26
CA ASN A 150 -42.03 6.02 -1.67
C ASN A 150 -40.92 5.05 -2.15
N VAL A 151 -40.19 5.48 -3.19
CA VAL A 151 -39.17 4.69 -3.82
C VAL A 151 -37.82 5.45 -3.81
N LEU A 152 -36.77 4.83 -4.33
CA LEU A 152 -35.45 5.44 -4.36
C LEU A 152 -35.44 6.58 -5.36
N PRO A 153 -35.11 7.79 -4.89
CA PRO A 153 -35.14 8.91 -5.83
C PRO A 153 -33.94 9.03 -6.75
N GLN A 154 -34.19 9.44 -7.99
CA GLN A 154 -33.08 9.76 -8.86
C GLN A 154 -32.30 10.92 -8.22
N GLY A 155 -30.98 10.81 -8.17
CA GLY A 155 -30.16 11.91 -7.64
C GLY A 155 -29.95 11.92 -6.15
N TRP A 156 -30.52 10.93 -5.46
CA TRP A 156 -30.32 10.81 -4.04
C TRP A 156 -29.10 9.92 -3.73
N LYS A 157 -28.27 10.40 -2.82
CA LYS A 157 -27.04 9.76 -2.36
C LYS A 157 -27.06 8.24 -2.15
N GLY A 158 -28.11 7.74 -1.49
CA GLY A 158 -28.22 6.34 -1.12
C GLY A 158 -28.82 5.45 -2.18
N SER A 159 -29.29 6.03 -3.27
CA SER A 159 -29.94 5.20 -4.28
C SER A 159 -29.11 4.12 -4.90
N PRO A 160 -27.97 4.48 -5.51
CA PRO A 160 -27.13 3.46 -6.16
C PRO A 160 -26.81 2.26 -5.25
N ALA A 161 -26.37 2.52 -4.03
CA ALA A 161 -26.00 1.41 -3.15
C ALA A 161 -27.20 0.57 -2.74
N ILE A 162 -28.29 1.26 -2.40
CA ILE A 162 -29.50 0.53 -2.00
C ILE A 162 -30.08 -0.25 -3.17
N PHE A 163 -30.00 0.30 -4.38
CA PHE A 163 -30.45 -0.47 -5.51
C PHE A 163 -29.66 -1.77 -5.65
N GLN A 164 -28.33 -1.65 -5.70
CA GLN A 164 -27.46 -2.79 -5.91
C GLN A 164 -27.58 -3.84 -4.80
N SER A 165 -27.69 -3.39 -3.57
CA SER A 165 -27.87 -4.32 -2.46
C SER A 165 -29.19 -5.12 -2.63
N SER A 166 -30.25 -4.42 -3.01
CA SER A 166 -31.55 -5.05 -3.24
C SER A 166 -31.43 -6.06 -4.37
N MET A 167 -30.81 -5.67 -5.48
CA MET A 167 -30.60 -6.60 -6.59
C MET A 167 -29.72 -7.81 -6.18
N THR A 168 -28.82 -7.61 -5.20
CA THR A 168 -27.95 -8.71 -4.76
C THR A 168 -28.79 -9.71 -3.98
N LYS A 169 -29.62 -9.18 -3.08
CA LYS A 169 -30.52 -9.99 -2.25
C LYS A 169 -31.49 -10.77 -3.13
N ILE A 170 -31.99 -10.13 -4.17
CA ILE A 170 -32.95 -10.77 -5.10
C ILE A 170 -32.34 -11.86 -5.99
N LEU A 171 -31.05 -11.72 -6.32
CA LEU A 171 -30.39 -12.68 -7.20
C LEU A 171 -29.92 -13.95 -6.50
N GLU A 172 -29.61 -13.87 -5.21
CA GLU A 172 -29.14 -15.04 -4.47
C GLU A 172 -29.89 -16.36 -4.74
N PRO A 173 -31.22 -16.37 -4.53
CA PRO A 173 -32.00 -17.59 -4.78
C PRO A 173 -31.62 -18.20 -6.13
N PHE A 174 -31.78 -17.43 -7.21
CA PHE A 174 -31.40 -17.88 -8.54
C PHE A 174 -29.94 -18.42 -8.58
N ARG A 175 -28.96 -17.63 -8.17
CA ARG A 175 -27.56 -18.08 -8.18
C ARG A 175 -27.36 -19.49 -7.59
N LYS A 176 -27.89 -19.74 -6.38
CA LYS A 176 -27.76 -21.04 -5.73
C LYS A 176 -28.25 -22.17 -6.63
N GLN A 177 -29.38 -21.96 -7.30
CA GLN A 177 -29.93 -22.99 -8.15
C GLN A 177 -29.26 -23.06 -9.51
N ASN A 178 -28.33 -22.14 -9.78
CA ASN A 178 -27.66 -22.07 -11.07
C ASN A 178 -26.23 -21.56 -11.03
N PRO A 179 -25.41 -22.10 -10.11
CA PRO A 179 -23.98 -21.81 -9.91
C PRO A 179 -23.13 -21.88 -11.21
N ASP A 180 -23.59 -22.59 -12.21
CA ASP A 180 -22.88 -22.71 -13.49
C ASP A 180 -23.22 -21.54 -14.37
N ILE A 181 -23.91 -20.55 -13.81
CA ILE A 181 -24.30 -19.36 -14.56
C ILE A 181 -23.68 -18.08 -13.95
N VAL A 182 -23.17 -17.21 -14.81
CA VAL A 182 -22.63 -15.95 -14.32
C VAL A 182 -23.61 -14.84 -14.58
N ILE A 183 -23.78 -14.02 -13.55
CA ILE A 183 -24.53 -12.79 -13.66
C ILE A 183 -23.69 -11.68 -13.02
N TYR A 184 -23.47 -10.64 -13.81
CA TYR A 184 -22.72 -9.49 -13.36
C TYR A 184 -23.66 -8.28 -13.29
N GLN A 185 -23.76 -7.69 -12.09
CA GLN A 185 -24.59 -6.50 -11.83
C GLN A 185 -23.85 -5.17 -12.15
N TYR A 186 -24.35 -4.42 -13.12
CA TYR A 186 -23.71 -3.18 -13.45
C TYR A 186 -24.75 -2.10 -13.59
N MET A 187 -24.85 -1.27 -12.56
CA MET A 187 -25.80 -0.17 -12.52
C MET A 187 -27.18 -0.78 -12.65
N ASP A 188 -27.87 -0.48 -13.74
CA ASP A 188 -29.17 -1.10 -13.92
C ASP A 188 -29.23 -2.24 -14.95
N ASP A 189 -28.06 -2.64 -15.46
CA ASP A 189 -27.97 -3.79 -16.37
C ASP A 189 -27.57 -5.05 -15.63
N LEU A 190 -27.82 -6.17 -16.29
CA LEU A 190 -27.45 -7.49 -15.77
C LEU A 190 -26.86 -8.24 -16.98
N TYR A 191 -25.62 -8.69 -16.83
CA TYR A 191 -24.96 -9.48 -17.86
C TYR A 191 -25.08 -10.90 -17.36
N VAL A 192 -25.54 -11.75 -18.27
CA VAL A 192 -25.80 -13.15 -17.94
C VAL A 192 -25.03 -13.99 -18.94
N GLY A 193 -24.20 -14.85 -18.37
CA GLY A 193 -23.37 -15.73 -19.18
C GLY A 193 -23.45 -17.18 -18.75
N SER A 194 -23.40 -18.04 -19.74
CA SER A 194 -23.37 -19.48 -19.44
C SER A 194 -22.64 -20.13 -20.60
N ASP A 195 -22.36 -21.40 -20.40
CA ASP A 195 -21.74 -22.25 -21.40
C ASP A 195 -22.79 -23.18 -22.04
N LEU A 196 -24.07 -22.84 -21.85
CA LEU A 196 -25.21 -23.60 -22.38
C LEU A 196 -25.41 -23.40 -23.86
N GLU A 197 -26.10 -24.37 -24.46
CA GLU A 197 -26.46 -24.30 -25.88
C GLU A 197 -27.57 -23.28 -26.00
N ILE A 198 -27.54 -22.52 -27.09
CA ILE A 198 -28.46 -21.41 -27.35
C ILE A 198 -29.87 -21.59 -26.87
N GLY A 199 -30.36 -22.82 -26.99
CA GLY A 199 -31.71 -23.17 -26.59
C GLY A 199 -31.94 -23.20 -25.09
N GLN A 200 -31.04 -23.84 -24.36
CA GLN A 200 -31.16 -23.91 -22.91
C GLN A 200 -30.67 -22.62 -22.26
N HIS A 201 -30.05 -21.74 -23.04
CA HIS A 201 -29.58 -20.51 -22.44
C HIS A 201 -30.79 -19.58 -22.45
N ARG A 202 -31.39 -19.48 -23.63
CA ARG A 202 -32.64 -18.75 -23.85
C ARG A 202 -33.66 -19.18 -22.80
N THR A 203 -33.61 -20.46 -22.47
CA THR A 203 -34.52 -21.01 -21.48
C THR A 203 -34.17 -20.57 -20.07
N LYS A 204 -32.89 -20.47 -19.76
CA LYS A 204 -32.50 -20.03 -18.42
C LYS A 204 -32.67 -18.50 -18.23
N ILE A 205 -32.56 -17.76 -19.33
CA ILE A 205 -32.81 -16.33 -19.32
C ILE A 205 -34.26 -16.15 -18.89
N GLU A 206 -35.17 -16.76 -19.63
CA GLU A 206 -36.61 -16.68 -19.35
C GLU A 206 -36.94 -17.03 -17.92
N GLU A 207 -36.29 -18.05 -17.41
CA GLU A 207 -36.51 -18.43 -16.03
C GLU A 207 -36.00 -17.33 -15.10
N LEU A 208 -34.99 -16.57 -15.56
CA LEU A 208 -34.38 -15.46 -14.80
C LEU A 208 -35.31 -14.27 -14.89
N ARG A 209 -35.70 -13.92 -16.11
CA ARG A 209 -36.61 -12.83 -16.39
C ARG A 209 -37.92 -12.92 -15.59
N GLN A 210 -38.30 -14.16 -15.26
CA GLN A 210 -39.52 -14.43 -14.49
C GLN A 210 -39.25 -14.42 -13.01
N HIS A 211 -38.06 -14.84 -12.59
CA HIS A 211 -37.76 -14.77 -11.16
C HIS A 211 -37.61 -13.29 -10.76
N LEU A 212 -37.21 -12.45 -11.72
CA LEU A 212 -37.03 -11.03 -11.45
C LEU A 212 -38.41 -10.38 -11.40
N LEU A 213 -39.25 -10.77 -12.36
CA LEU A 213 -40.62 -10.27 -12.47
C LEU A 213 -41.40 -10.47 -11.20
N ARG A 214 -41.12 -11.58 -10.53
CA ARG A 214 -41.77 -11.93 -9.27
C ARG A 214 -41.30 -11.02 -8.15
N TRP A 215 -40.21 -10.30 -8.41
CA TRP A 215 -39.63 -9.42 -7.40
C TRP A 215 -39.84 -7.94 -7.73
N GLY A 216 -40.73 -7.68 -8.66
CA GLY A 216 -41.08 -6.34 -9.03
C GLY A 216 -40.12 -5.68 -10.00
N LEU A 217 -39.38 -6.47 -10.76
CA LEU A 217 -38.39 -5.93 -11.71
C LEU A 217 -38.62 -6.39 -13.13
N THR A 218 -38.82 -5.45 -14.03
CA THR A 218 -39.05 -5.76 -15.44
C THR A 218 -37.77 -5.80 -16.24
N THR A 219 -37.75 -6.58 -17.32
CA THR A 219 -36.58 -6.78 -18.18
C THR A 219 -37.04 -7.09 -19.59
N PRO A 220 -36.33 -6.60 -20.63
CA PRO A 220 -36.67 -6.79 -22.05
C PRO A 220 -36.75 -8.27 -22.46
N ASP A 221 -37.72 -8.60 -23.29
CA ASP A 221 -37.83 -9.98 -23.74
C ASP A 221 -36.95 -10.28 -24.94
N LYS A 222 -36.82 -11.57 -25.24
CA LYS A 222 -36.11 -12.05 -26.41
C LYS A 222 -36.76 -11.26 -27.56
N LYS A 223 -35.97 -10.95 -28.58
CA LYS A 223 -36.42 -10.09 -29.68
C LYS A 223 -36.12 -8.65 -29.27
N HIS A 224 -36.12 -8.39 -27.96
CA HIS A 224 -35.82 -7.06 -27.45
C HIS A 224 -34.43 -6.92 -26.78
N GLN A 225 -33.82 -8.05 -26.44
CA GLN A 225 -32.50 -8.01 -25.82
C GLN A 225 -31.33 -8.09 -26.82
N LYS A 226 -30.38 -7.18 -26.65
CA LYS A 226 -29.25 -7.01 -27.56
C LYS A 226 -28.40 -8.24 -27.86
N GLU A 227 -27.74 -8.18 -29.01
CA GLU A 227 -26.86 -9.27 -29.47
C GLU A 227 -25.41 -8.86 -29.29
N PRO A 228 -24.53 -9.83 -28.96
CA PRO A 228 -23.12 -9.45 -28.83
C PRO A 228 -22.66 -9.03 -30.19
N PRO A 229 -21.60 -8.22 -30.28
CA PRO A 229 -20.73 -7.70 -29.22
C PRO A 229 -21.37 -6.58 -28.37
N PHE A 230 -21.17 -6.70 -27.06
CA PHE A 230 -21.65 -5.74 -26.07
C PHE A 230 -20.64 -4.65 -25.80
N LEU A 231 -21.04 -3.40 -26.00
CA LEU A 231 -20.15 -2.26 -25.74
C LEU A 231 -20.30 -1.99 -24.29
N TRP A 232 -19.24 -2.17 -23.52
CA TRP A 232 -19.31 -1.97 -22.08
C TRP A 232 -18.03 -1.37 -21.51
N MET A 233 -18.15 -0.28 -20.76
CA MET A 233 -17.00 0.40 -20.12
C MET A 233 -15.82 0.75 -21.08
N GLY A 234 -16.08 1.04 -22.34
CA GLY A 234 -15.00 1.42 -23.25
C GLY A 234 -14.46 0.19 -23.96
N TYR A 235 -15.11 -0.94 -23.70
CA TYR A 235 -14.73 -2.21 -24.29
C TYR A 235 -15.77 -2.76 -25.23
N GLU A 236 -15.33 -3.70 -26.04
CA GLU A 236 -16.20 -4.42 -26.95
C GLU A 236 -16.04 -5.90 -26.60
N LEU A 237 -17.11 -6.51 -26.09
CA LEU A 237 -17.07 -7.90 -25.64
C LEU A 237 -17.79 -8.91 -26.52
N HIS A 238 -17.04 -9.90 -26.97
CA HIS A 238 -17.61 -11.06 -27.68
C HIS A 238 -17.50 -12.21 -26.67
N PRO A 239 -18.26 -13.29 -26.87
CA PRO A 239 -18.18 -14.38 -25.87
C PRO A 239 -16.83 -15.13 -25.83
N ASP A 240 -16.05 -15.01 -26.91
CA ASP A 240 -14.77 -15.68 -27.07
C ASP A 240 -13.57 -14.71 -27.11
N LYS A 241 -13.82 -13.42 -27.28
CA LYS A 241 -12.72 -12.44 -27.25
C LYS A 241 -13.16 -11.05 -26.77
N TRP A 242 -12.18 -10.14 -26.63
CA TRP A 242 -12.44 -8.76 -26.19
C TRP A 242 -11.42 -7.83 -26.82
N THR A 243 -11.81 -6.59 -27.05
CA THR A 243 -10.93 -5.52 -27.52
C THR A 243 -11.43 -4.21 -26.90
N VAL A 244 -10.73 -3.11 -27.15
CA VAL A 244 -11.15 -1.82 -26.62
C VAL A 244 -12.10 -1.27 -27.69
N GLN A 245 -12.94 -0.31 -27.35
CA GLN A 245 -13.85 0.21 -28.35
C GLN A 245 -13.01 0.90 -29.40
N PRO A 246 -13.54 1.02 -30.61
CA PRO A 246 -12.99 1.67 -31.80
C PRO A 246 -12.24 2.96 -31.47
N ILE A 247 -10.95 2.98 -31.80
CA ILE A 247 -10.10 4.12 -31.54
C ILE A 247 -9.75 4.84 -32.83
N VAL A 248 -10.27 6.04 -32.98
CA VAL A 248 -9.95 6.90 -34.13
C VAL A 248 -8.97 8.03 -33.75
N LEU A 249 -7.74 7.96 -34.25
CA LEU A 249 -6.74 8.99 -34.03
C LEU A 249 -6.98 10.03 -35.12
N PRO A 250 -7.52 11.20 -34.74
CA PRO A 250 -7.81 12.18 -35.78
C PRO A 250 -6.66 12.56 -36.70
N GLU A 251 -7.00 13.09 -37.87
CA GLU A 251 -6.01 13.62 -38.79
C GLU A 251 -6.15 15.12 -38.59
N LYS A 252 -5.09 15.76 -38.09
CA LYS A 252 -5.13 17.18 -37.79
C LYS A 252 -3.91 17.88 -38.36
N ASP A 253 -4.06 19.13 -38.77
CA ASP A 253 -2.96 19.93 -39.30
C ASP A 253 -2.36 20.73 -38.13
N SER A 254 -3.20 21.01 -37.16
CA SER A 254 -2.80 21.80 -36.02
C SER A 254 -3.31 21.10 -34.76
N TRP A 255 -2.43 20.96 -33.78
CA TRP A 255 -2.81 20.28 -32.53
C TRP A 255 -2.85 21.22 -31.34
N THR A 256 -4.01 21.25 -30.68
CA THR A 256 -4.16 22.07 -29.46
C THR A 256 -3.93 21.15 -28.27
N VAL A 257 -3.63 21.75 -27.13
CA VAL A 257 -3.48 21.05 -25.85
C VAL A 257 -4.65 20.07 -25.58
N ASN A 258 -5.89 20.56 -25.76
CA ASN A 258 -7.10 19.73 -25.64
C ASN A 258 -7.05 18.52 -26.64
N ASP A 259 -6.52 18.73 -27.87
CA ASP A 259 -6.43 17.62 -28.85
C ASP A 259 -5.37 16.60 -28.42
N ILE A 260 -4.27 17.08 -27.85
CA ILE A 260 -3.19 16.18 -27.41
C ILE A 260 -3.53 15.38 -26.16
N GLN A 261 -4.25 16.02 -25.25
CA GLN A 261 -4.74 15.39 -24.04
C GLN A 261 -5.71 14.26 -24.42
N LYS A 262 -6.62 14.50 -25.37
CA LYS A 262 -7.60 13.49 -25.77
C LYS A 262 -6.93 12.30 -26.47
N LEU A 263 -6.03 12.59 -27.39
CA LEU A 263 -5.20 11.59 -28.06
C LEU A 263 -4.46 10.76 -27.01
N VAL A 264 -3.74 11.42 -26.11
CA VAL A 264 -2.99 10.72 -25.08
C VAL A 264 -3.89 9.74 -24.31
N GLY A 265 -5.11 10.17 -23.96
CA GLY A 265 -6.05 9.30 -23.25
C GLY A 265 -6.53 8.11 -24.05
N LYS A 266 -6.68 8.31 -25.35
CA LYS A 266 -7.10 7.20 -26.23
C LYS A 266 -5.97 6.21 -26.41
N LEU A 267 -4.74 6.72 -26.45
CA LEU A 267 -3.57 5.87 -26.66
C LEU A 267 -3.30 5.07 -25.37
N ASN A 268 -3.55 5.71 -24.22
CA ASN A 268 -3.41 5.03 -22.92
C ASN A 268 -4.44 3.93 -22.81
N TRP A 269 -5.67 4.21 -23.27
CA TRP A 269 -6.76 3.22 -23.22
C TRP A 269 -6.45 1.99 -24.14
N ALA A 270 -6.06 2.25 -25.38
CA ALA A 270 -5.63 1.22 -26.35
C ALA A 270 -4.46 0.38 -25.83
N SER A 271 -3.57 1.00 -25.05
CA SER A 271 -2.42 0.28 -24.50
C SER A 271 -2.76 -1.01 -23.74
N GLN A 272 -4.01 -1.24 -23.38
CA GLN A 272 -4.36 -2.47 -22.65
C GLN A 272 -4.34 -3.70 -23.56
N ILE A 273 -4.34 -3.49 -24.86
CA ILE A 273 -4.37 -4.64 -25.78
C ILE A 273 -3.51 -4.46 -27.03
N TYR A 274 -3.21 -3.22 -27.42
CA TYR A 274 -2.31 -2.97 -28.54
C TYR A 274 -0.92 -2.85 -27.90
N PRO A 275 0.00 -3.77 -28.21
CA PRO A 275 1.31 -3.76 -27.57
C PRO A 275 2.24 -2.76 -28.19
N GLY A 276 3.13 -2.19 -27.39
CA GLY A 276 4.07 -1.22 -27.93
C GLY A 276 3.61 0.21 -28.06
N ILE A 277 2.36 0.51 -27.68
CA ILE A 277 1.87 1.89 -27.75
C ILE A 277 2.80 2.76 -26.90
N LYS A 278 3.14 3.94 -27.42
CA LYS A 278 4.05 4.87 -26.75
C LYS A 278 3.38 6.21 -26.58
N VAL A 279 3.76 6.92 -25.53
CA VAL A 279 3.11 8.18 -25.23
C VAL A 279 4.05 9.28 -24.73
N ARG A 280 5.28 8.90 -24.40
CA ARG A 280 6.19 9.86 -23.80
C ARG A 280 6.50 11.16 -24.54
N GLN A 281 6.67 11.10 -25.85
CA GLN A 281 6.97 12.31 -26.62
C GLN A 281 5.76 13.20 -26.73
N LEU A 282 4.61 12.59 -26.96
CA LEU A 282 3.32 13.30 -26.99
C LEU A 282 3.07 13.96 -25.62
N CYS A 283 3.39 13.24 -24.55
CA CYS A 283 3.19 13.75 -23.20
C CYS A 283 4.13 14.90 -22.86
N LYS A 284 5.38 14.81 -23.29
CA LYS A 284 6.35 15.86 -23.02
C LYS A 284 5.79 17.20 -23.49
N LEU A 285 4.99 17.16 -24.55
CA LEU A 285 4.43 18.37 -25.12
C LEU A 285 3.43 19.05 -24.21
N LEU A 286 2.83 18.30 -23.29
CA LEU A 286 1.79 18.87 -22.43
C LEU A 286 2.38 19.47 -21.17
N ARG A 287 3.71 19.56 -21.17
CA ARG A 287 4.43 20.05 -20.02
C ARG A 287 4.54 21.56 -20.15
N GLY A 288 4.32 22.26 -19.04
CA GLY A 288 4.30 23.72 -19.03
C GLY A 288 2.86 24.09 -19.33
N THR A 289 2.54 24.06 -20.62
CA THR A 289 1.18 24.26 -21.13
C THR A 289 0.56 25.66 -21.03
N LYS A 290 -0.24 25.98 -22.04
CA LYS A 290 -1.00 27.21 -22.05
C LYS A 290 -2.46 26.79 -21.95
N ALA A 291 -3.34 27.57 -22.56
CA ALA A 291 -4.75 27.24 -22.53
C ALA A 291 -5.04 25.96 -23.32
N LEU A 292 -6.15 25.30 -22.97
CA LEU A 292 -6.64 24.12 -23.66
C LEU A 292 -6.75 24.40 -25.17
N THR A 293 -6.84 25.68 -25.53
CA THR A 293 -7.04 26.10 -26.92
C THR A 293 -5.77 26.42 -27.69
N GLU A 294 -4.67 26.50 -26.99
CA GLU A 294 -3.47 26.89 -27.67
C GLU A 294 -2.80 25.79 -28.50
N VAL A 295 -2.38 26.15 -29.72
CA VAL A 295 -1.75 25.23 -30.67
C VAL A 295 -0.31 24.88 -30.27
N ILE A 296 0.00 23.60 -30.33
CA ILE A 296 1.34 23.11 -30.00
C ILE A 296 2.00 22.48 -31.22
N PRO A 297 3.15 23.05 -31.66
CA PRO A 297 3.84 22.42 -32.78
C PRO A 297 4.33 21.05 -32.33
N LEU A 298 4.14 20.04 -33.15
CA LEU A 298 4.61 18.72 -32.77
C LEU A 298 6.09 18.62 -33.00
N THR A 299 6.83 18.38 -31.93
CA THR A 299 8.26 18.14 -32.03
C THR A 299 8.43 17.00 -33.05
N GLU A 300 9.63 16.86 -33.59
CA GLU A 300 9.93 15.85 -34.62
C GLU A 300 9.07 14.60 -34.74
N GLU A 301 10.42 14.07 -32.53
CA GLU A 301 10.13 12.91 -31.67
C GLU A 301 8.62 12.63 -31.54
N ALA A 302 7.82 13.65 -31.18
CA ALA A 302 6.35 13.50 -31.09
C ALA A 302 5.76 12.98 -32.39
N GLU A 303 6.23 13.52 -33.52
CA GLU A 303 5.74 13.02 -34.81
C GLU A 303 6.10 11.54 -35.10
N LEU A 304 7.30 11.10 -34.72
CA LEU A 304 7.69 9.67 -34.91
C LEU A 304 6.83 8.76 -34.07
N GLU A 305 6.67 9.13 -32.80
CA GLU A 305 5.79 8.41 -31.87
C GLU A 305 4.37 8.30 -32.44
N LEU A 306 3.80 9.40 -32.91
CA LEU A 306 2.45 9.33 -33.47
C LEU A 306 2.40 8.36 -34.64
N ALA A 307 3.41 8.44 -35.51
CA ALA A 307 3.45 7.59 -36.70
C ALA A 307 3.54 6.15 -36.28
N GLU A 308 4.45 5.89 -35.35
CA GLU A 308 4.60 4.53 -34.82
C GLU A 308 3.31 3.99 -34.19
N ASN A 309 2.60 4.85 -33.43
CA ASN A 309 1.30 4.51 -32.82
C ASN A 309 0.27 4.26 -33.89
N ARG A 310 0.24 5.11 -34.90
CA ARG A 310 -0.73 4.95 -35.98
C ARG A 310 -0.60 3.58 -36.64
N GLU A 311 0.66 3.17 -36.84
CA GLU A 311 1.01 1.89 -37.47
C GLU A 311 0.53 0.70 -36.61
N ILE A 312 0.78 0.79 -35.31
CA ILE A 312 0.31 -0.22 -34.36
C ILE A 312 -1.22 -0.36 -34.38
N LEU A 313 -1.91 0.76 -34.54
CA LEU A 313 -3.38 0.76 -34.48
C LEU A 313 -4.15 0.36 -35.73
N LYS A 314 -3.55 0.38 -36.91
CA LYS A 314 -4.31 -0.01 -38.12
C LYS A 314 -4.38 -1.51 -38.01
N GLU A 315 -5.57 -2.08 -38.17
CA GLU A 315 -5.79 -3.54 -38.02
C GLU A 315 -6.19 -3.88 -36.59
N PRO A 316 -7.38 -4.45 -36.42
CA PRO A 316 -7.77 -4.73 -35.03
C PRO A 316 -6.91 -5.79 -34.37
N VAL A 317 -6.90 -5.75 -33.04
CA VAL A 317 -6.20 -6.71 -32.18
C VAL A 317 -7.22 -7.02 -31.08
N HIS A 318 -7.30 -8.28 -30.66
CA HIS A 318 -8.27 -8.65 -29.64
C HIS A 318 -7.52 -9.43 -28.58
N GLY A 319 -8.08 -9.50 -27.38
CA GLY A 319 -7.47 -10.31 -26.36
C GLY A 319 -8.31 -11.55 -26.18
N VAL A 320 -7.76 -12.56 -25.50
CA VAL A 320 -8.49 -13.79 -25.18
C VAL A 320 -8.84 -13.68 -23.71
N TYR A 321 -9.73 -14.57 -23.25
CA TYR A 321 -10.17 -14.61 -21.87
C TYR A 321 -9.32 -15.54 -21.02
N TYR A 322 -9.62 -15.59 -19.73
CA TYR A 322 -8.88 -16.38 -18.74
C TYR A 322 -9.32 -17.84 -18.59
N ASP A 323 -8.33 -18.73 -18.65
CA ASP A 323 -8.53 -20.15 -18.42
C ASP A 323 -7.96 -20.44 -17.04
N PRO A 324 -8.82 -20.58 -16.04
CA PRO A 324 -8.21 -20.70 -14.72
C PRO A 324 -7.37 -21.95 -14.45
N SER A 325 -7.36 -22.86 -15.39
CA SER A 325 -6.63 -24.11 -15.20
C SER A 325 -5.16 -23.98 -15.62
N LYS A 326 -4.82 -22.87 -16.30
CA LYS A 326 -3.47 -22.65 -16.78
C LYS A 326 -2.70 -21.51 -16.11
N ASP A 327 -1.38 -21.62 -16.16
CA ASP A 327 -0.47 -20.62 -15.59
C ASP A 327 -0.58 -19.32 -16.37
N LEU A 328 -0.14 -18.22 -15.78
CA LEU A 328 -0.09 -16.94 -16.52
C LEU A 328 1.36 -16.62 -16.77
N ILE A 329 1.68 -16.15 -17.98
CA ILE A 329 3.06 -15.79 -18.27
C ILE A 329 3.10 -14.30 -18.56
N ALA A 330 3.99 -13.54 -17.91
CA ALA A 330 4.15 -12.13 -18.22
C ALA A 330 5.56 -11.89 -18.79
N GLU A 331 5.65 -11.18 -19.92
CA GLU A 331 6.92 -10.87 -20.55
C GLU A 331 7.08 -9.35 -20.57
N ILE A 332 8.29 -8.85 -20.39
CA ILE A 332 8.53 -7.44 -20.33
C ILE A 332 9.73 -7.11 -21.20
N GLN A 333 9.64 -5.99 -21.92
CA GLN A 333 10.74 -5.49 -22.78
C GLN A 333 11.02 -4.03 -22.46
N LYS A 334 12.30 -3.68 -22.48
CA LYS A 334 12.70 -2.29 -22.33
C LYS A 334 12.48 -1.65 -23.72
N GLN A 335 11.72 -0.56 -23.78
CA GLN A 335 11.38 0.11 -25.07
C GLN A 335 12.25 1.33 -25.28
N GLY A 336 12.97 1.71 -24.25
CA GLY A 336 13.78 2.89 -24.37
C GLY A 336 14.03 3.39 -22.99
N GLN A 337 14.49 4.64 -22.92
CA GLN A 337 14.82 5.21 -21.64
C GLN A 337 13.57 5.44 -20.79
N GLY A 338 13.49 4.67 -19.71
CA GLY A 338 12.40 4.71 -18.76
C GLY A 338 11.07 4.11 -19.18
N GLN A 339 11.00 3.54 -20.37
CA GLN A 339 9.79 2.96 -20.96
C GLN A 339 9.81 1.45 -20.98
N TRP A 340 8.78 0.85 -20.43
CA TRP A 340 8.68 -0.59 -20.38
C TRP A 340 7.34 -0.97 -20.98
N THR A 341 7.28 -2.16 -21.55
CA THR A 341 6.08 -2.64 -22.20
C THR A 341 5.98 -4.10 -21.81
N TYR A 342 4.76 -4.59 -21.59
CA TYR A 342 4.56 -6.00 -21.19
C TYR A 342 3.37 -6.67 -21.85
N GLN A 343 3.33 -7.98 -21.81
CA GLN A 343 2.21 -8.71 -22.38
C GLN A 343 2.01 -9.88 -21.47
N ILE A 344 0.74 -10.27 -21.32
CA ILE A 344 0.38 -11.42 -20.52
C ILE A 344 -0.38 -12.43 -21.36
N TYR A 345 0.10 -13.67 -21.33
CA TYR A 345 -0.58 -14.77 -22.06
C TYR A 345 -0.56 -16.04 -21.24
N GLN A 346 -1.32 -17.02 -21.70
CA GLN A 346 -1.31 -18.34 -21.11
C GLN A 346 -0.76 -19.33 -22.17
N GLU A 347 -1.04 -19.05 -23.42
CA GLU A 347 -0.59 -19.87 -24.51
C GLU A 347 0.25 -18.92 -25.35
N PRO A 348 1.53 -19.30 -25.59
CA PRO A 348 2.47 -18.45 -26.30
C PRO A 348 1.92 -17.71 -27.47
N PHE A 349 1.88 -16.42 -27.17
CA PHE A 349 1.56 -15.31 -28.00
C PHE A 349 0.09 -14.94 -28.18
N LYS A 350 -0.81 -15.60 -27.44
CA LYS A 350 -2.27 -15.27 -27.46
C LYS A 350 -2.53 -14.43 -26.19
N ASN A 351 -2.30 -13.13 -26.30
CA ASN A 351 -2.43 -12.19 -25.19
C ASN A 351 -3.79 -12.06 -24.54
N LEU A 352 -3.81 -12.15 -23.23
CA LEU A 352 -5.01 -11.85 -22.42
C LEU A 352 -5.06 -10.33 -22.36
N LYS A 353 -3.88 -9.72 -22.17
CA LYS A 353 -3.78 -8.26 -22.13
C LYS A 353 -2.35 -7.76 -22.30
N THR A 354 -2.22 -6.46 -22.55
CA THR A 354 -0.94 -5.78 -22.65
C THR A 354 -0.92 -4.58 -21.71
N GLY A 355 0.22 -3.93 -21.60
CA GLY A 355 0.36 -2.74 -20.76
C GLY A 355 1.71 -2.10 -20.95
N LYS A 356 1.90 -0.95 -20.33
CA LYS A 356 3.18 -0.26 -20.39
C LYS A 356 3.42 0.32 -19.00
N TYR A 357 4.66 0.60 -18.67
CA TYR A 357 5.00 1.17 -17.38
C TYR A 357 6.10 2.16 -17.69
N ALA A 358 6.07 3.30 -17.02
CA ALA A 358 7.09 4.32 -17.26
C ALA A 358 7.72 4.86 -15.98
N ARG A 359 6.87 5.06 -14.98
CA ARG A 359 7.25 5.62 -13.69
C ARG A 359 8.71 5.82 -13.32
N MET A 360 9.02 7.04 -12.91
CA MET A 360 10.33 7.41 -12.40
C MET A 360 10.14 7.34 -10.88
N ARG A 361 10.80 6.38 -10.24
CA ARG A 361 10.74 6.24 -8.78
C ARG A 361 12.02 6.78 -8.12
N GLY A 362 11.95 8.06 -7.75
CA GLY A 362 13.07 8.77 -7.15
C GLY A 362 13.56 9.78 -8.16
N ALA A 363 14.79 10.24 -7.97
CA ALA A 363 15.39 11.23 -8.86
C ALA A 363 16.45 10.57 -9.76
N HIS A 364 17.13 9.59 -9.20
CA HIS A 364 18.22 8.89 -9.89
C HIS A 364 17.87 7.43 -9.87
N THR A 365 18.05 6.78 -11.00
CA THR A 365 17.69 5.37 -11.07
C THR A 365 18.48 4.54 -12.08
N ASN A 366 18.17 3.25 -12.07
CA ASN A 366 18.79 2.32 -12.98
C ASN A 366 17.79 1.30 -13.52
N ASP A 367 18.15 0.62 -14.61
CA ASP A 367 17.32 -0.36 -15.27
C ASP A 367 17.06 -1.54 -14.37
N VAL A 368 18.03 -1.92 -13.53
CA VAL A 368 17.73 -3.00 -12.59
C VAL A 368 16.54 -2.66 -11.67
N LYS A 369 16.54 -1.45 -11.07
CA LYS A 369 15.45 -0.99 -10.21
C LYS A 369 14.12 -0.74 -10.96
N GLN A 370 14.22 -0.26 -12.18
CA GLN A 370 13.01 -0.02 -12.98
C GLN A 370 12.29 -1.30 -13.45
N LEU A 371 13.08 -2.31 -13.79
CA LEU A 371 12.56 -3.58 -14.21
C LEU A 371 11.86 -4.17 -12.99
N THR A 372 12.54 -4.14 -11.85
CA THR A 372 11.95 -4.70 -10.66
C THR A 372 10.67 -3.99 -10.14
N GLU A 373 10.54 -2.70 -10.43
CA GLU A 373 9.35 -1.93 -10.13
C GLU A 373 8.24 -2.29 -11.12
N ALA A 374 8.61 -2.48 -12.40
CA ALA A 374 7.66 -2.93 -13.39
C ALA A 374 7.09 -4.32 -12.98
N VAL A 375 7.91 -5.25 -12.53
CA VAL A 375 7.45 -6.58 -12.06
C VAL A 375 6.45 -6.43 -10.90
N GLN A 376 6.73 -5.50 -9.99
CA GLN A 376 5.87 -5.26 -8.85
C GLN A 376 4.49 -4.74 -9.25
N LYS A 377 4.48 -3.82 -10.18
CA LYS A 377 3.26 -3.26 -10.71
C LYS A 377 2.43 -4.33 -11.43
N ILE A 378 3.08 -5.22 -12.16
CA ILE A 378 2.40 -6.30 -12.84
C ILE A 378 1.92 -7.37 -11.84
N THR A 379 2.72 -7.65 -10.81
CA THR A 379 2.35 -8.62 -9.79
C THR A 379 1.06 -8.19 -9.10
N THR A 380 0.99 -6.93 -8.73
CA THR A 380 -0.20 -6.35 -8.06
C THR A 380 -1.40 -6.44 -9.01
N GLU A 381 -1.22 -5.96 -10.23
CA GLU A 381 -2.30 -6.01 -11.19
C GLU A 381 -2.83 -7.46 -11.36
N SER A 382 -1.93 -8.43 -11.46
CA SER A 382 -2.30 -9.84 -11.55
C SER A 382 -3.15 -10.36 -10.38
N ILE A 383 -2.73 -10.02 -9.17
CA ILE A 383 -3.49 -10.45 -7.98
C ILE A 383 -4.90 -9.91 -8.16
N VAL A 384 -5.02 -8.69 -8.63
CA VAL A 384 -6.34 -8.08 -8.81
C VAL A 384 -7.21 -8.77 -9.88
N ILE A 385 -6.62 -9.02 -11.03
CA ILE A 385 -7.37 -9.56 -12.16
C ILE A 385 -7.59 -11.04 -12.12
N TRP A 386 -6.62 -11.78 -11.58
CA TRP A 386 -6.69 -13.25 -11.63
C TRP A 386 -6.56 -13.98 -10.31
N GLY A 387 -6.25 -13.26 -9.25
CA GLY A 387 -6.09 -13.92 -7.96
C GLY A 387 -4.78 -14.68 -7.82
N LYS A 388 -3.93 -14.65 -8.85
CA LYS A 388 -2.60 -15.30 -8.79
C LYS A 388 -1.49 -14.50 -9.50
N THR A 389 -0.25 -14.76 -9.12
CA THR A 389 0.87 -14.06 -9.75
C THR A 389 1.31 -14.77 -11.02
N PRO A 390 1.87 -14.02 -11.96
CA PRO A 390 2.29 -14.76 -13.12
C PRO A 390 3.72 -15.27 -13.00
N LYS A 391 4.13 -16.09 -13.98
CA LYS A 391 5.52 -16.56 -14.13
C LYS A 391 6.10 -15.53 -15.09
N PHE A 392 7.21 -14.91 -14.70
CA PHE A 392 7.77 -13.82 -15.51
C PHE A 392 8.91 -14.24 -16.46
N LYS A 393 9.06 -13.51 -17.55
CA LYS A 393 10.16 -13.73 -18.48
C LYS A 393 10.78 -12.35 -18.61
N LEU A 394 12.03 -12.24 -18.15
CA LEU A 394 12.69 -10.95 -18.04
C LEU A 394 13.94 -10.78 -18.92
N PRO A 395 14.14 -9.58 -19.48
CA PRO A 395 15.35 -9.40 -20.30
C PRO A 395 16.55 -9.04 -19.43
N ILE A 396 16.78 -9.83 -18.38
CA ILE A 396 17.89 -9.61 -17.47
C ILE A 396 18.49 -10.97 -17.09
N GLN A 397 19.81 -11.08 -17.15
CA GLN A 397 20.51 -12.32 -16.81
C GLN A 397 20.37 -12.61 -15.31
N LYS A 398 20.25 -13.87 -14.92
CA LYS A 398 20.12 -14.24 -13.50
C LYS A 398 21.27 -13.79 -12.60
N GLU A 399 22.48 -13.85 -13.12
CA GLU A 399 23.65 -13.38 -12.39
C GLU A 399 23.60 -11.87 -12.15
N THR A 400 23.20 -11.14 -13.16
CA THR A 400 23.05 -9.70 -12.98
C THR A 400 22.08 -9.37 -11.84
N TRP A 401 20.93 -10.04 -11.83
CA TRP A 401 19.89 -9.75 -10.86
C TRP A 401 20.28 -10.03 -9.43
N GLU A 402 20.89 -11.20 -9.21
CA GLU A 402 21.33 -11.67 -7.89
C GLU A 402 22.53 -10.87 -7.40
N THR A 403 23.42 -10.51 -8.31
CA THR A 403 24.52 -9.65 -7.94
C THR A 403 23.89 -8.39 -7.36
N TRP A 404 23.07 -7.69 -8.15
CA TRP A 404 22.44 -6.47 -7.65
C TRP A 404 21.61 -6.63 -6.36
N TRP A 405 20.58 -7.49 -6.38
CA TRP A 405 19.70 -7.64 -5.20
C TRP A 405 20.48 -7.99 -3.96
N THR A 406 21.48 -8.83 -4.13
CA THR A 406 22.32 -9.29 -3.04
C THR A 406 23.12 -8.20 -2.33
N GLU A 407 23.66 -7.25 -3.09
CA GLU A 407 24.48 -6.18 -2.51
C GLU A 407 23.73 -4.92 -2.11
N TYR A 408 22.57 -4.69 -2.72
CA TYR A 408 21.79 -3.49 -2.44
C TYR A 408 21.25 -3.51 -1.01
N TRP A 409 20.92 -2.35 -0.45
CA TRP A 409 20.46 -2.30 0.94
C TRP A 409 18.98 -2.55 1.15
N GLN A 410 18.19 -2.35 0.13
CA GLN A 410 16.76 -2.56 0.24
C GLN A 410 16.43 -4.01 -0.07
N ALA A 411 15.40 -4.49 0.61
CA ALA A 411 14.93 -5.84 0.44
C ALA A 411 14.09 -5.98 -0.85
N THR A 412 14.10 -7.17 -1.43
CA THR A 412 13.23 -7.44 -2.54
C THR A 412 12.90 -8.90 -2.69
N TRP A 413 11.87 -9.14 -3.48
CA TRP A 413 11.39 -10.47 -3.81
C TRP A 413 10.51 -10.35 -5.03
N ILE A 414 10.85 -11.14 -6.05
CA ILE A 414 10.13 -11.25 -7.32
C ILE A 414 9.44 -12.62 -7.38
N PRO A 415 8.30 -12.71 -8.06
CA PRO A 415 7.88 -14.12 -8.10
C PRO A 415 8.79 -14.86 -9.11
N GLU A 416 8.59 -16.16 -9.27
CA GLU A 416 9.31 -17.00 -10.22
C GLU A 416 9.51 -16.35 -11.60
N TRP A 417 10.76 -16.35 -12.08
CA TRP A 417 11.07 -15.75 -13.38
C TRP A 417 12.20 -16.48 -14.07
N GLU A 418 12.31 -16.29 -15.37
CA GLU A 418 13.35 -16.87 -16.20
C GLU A 418 13.89 -15.78 -17.09
N PHE A 419 15.17 -15.87 -17.40
CA PHE A 419 15.81 -14.96 -18.36
C PHE A 419 15.31 -15.26 -19.78
N VAL A 420 15.18 -14.23 -20.60
CA VAL A 420 14.82 -14.36 -21.99
C VAL A 420 15.61 -13.38 -22.83
N ASN A 421 16.15 -13.88 -23.93
CA ASN A 421 17.02 -13.08 -24.75
C ASN A 421 16.35 -12.13 -25.72
N THR A 422 15.87 -11.01 -25.20
CA THR A 422 15.20 -10.05 -26.03
C THR A 422 15.85 -8.71 -25.72
N PRO A 423 16.82 -8.29 -26.54
CA PRO A 423 17.54 -7.02 -26.32
C PRO A 423 16.60 -5.84 -26.48
N PRO A 424 16.90 -4.71 -25.81
CA PRO A 424 18.12 -4.59 -25.00
C PRO A 424 18.00 -5.38 -23.71
N LEU A 425 19.11 -6.00 -23.30
CA LEU A 425 19.16 -6.73 -22.05
C LEU A 425 19.47 -5.78 -20.92
N VAL A 426 18.90 -6.05 -19.74
CA VAL A 426 19.12 -5.19 -18.59
C VAL A 426 20.49 -5.44 -17.94
N LYS A 427 21.23 -4.36 -17.73
CA LYS A 427 22.55 -4.48 -17.12
C LYS A 427 23.00 -3.24 -16.35
N LEU A 428 23.98 -3.44 -15.46
CA LEU A 428 24.61 -2.37 -14.69
C LEU A 428 25.80 -1.81 -15.52
N TRP A 429 25.90 -0.49 -15.58
CA TRP A 429 26.88 0.17 -16.42
C TRP A 429 28.29 0.43 -15.89
N TYR A 430 28.43 0.34 -14.57
CA TYR A 430 29.73 0.51 -13.90
C TYR A 430 29.57 -0.07 -12.50
N GLN A 431 30.71 -0.29 -11.84
CA GLN A 431 30.71 -0.81 -10.47
C GLN A 431 31.74 0.00 -9.71
N LEU A 432 31.52 0.17 -8.41
CA LEU A 432 32.46 0.87 -7.59
C LEU A 432 33.31 -0.22 -6.96
N GLU A 433 34.59 0.07 -6.70
CA GLU A 433 35.48 -0.88 -6.05
C GLU A 433 35.12 -1.11 -4.58
N LYS A 434 35.42 -2.29 -4.06
CA LYS A 434 35.18 -2.55 -2.65
C LYS A 434 36.40 -2.09 -1.87
N GLU A 435 37.51 -1.93 -2.59
CA GLU A 435 38.79 -1.51 -1.99
C GLU A 435 39.58 -0.45 -2.76
N PRO A 436 40.40 0.34 -2.04
CA PRO A 436 41.21 1.37 -2.70
C PRO A 436 42.15 0.79 -3.75
N ILE A 437 42.29 1.50 -4.86
CA ILE A 437 43.14 1.06 -5.98
C ILE A 437 44.60 1.45 -5.74
N VAL A 438 45.49 0.47 -5.86
CA VAL A 438 46.90 0.71 -5.71
C VAL A 438 47.37 1.29 -7.02
N GLY A 439 48.15 2.37 -6.96
CA GLY A 439 48.67 2.99 -8.18
C GLY A 439 47.72 4.00 -8.76
N ALA A 440 46.69 4.35 -7.98
CA ALA A 440 45.70 5.33 -8.38
C ALA A 440 45.89 6.58 -7.54
N GLU A 441 45.75 7.73 -8.21
CA GLU A 441 45.85 9.03 -7.57
C GLU A 441 44.62 9.15 -6.71
N THR A 442 44.77 9.75 -5.53
CA THR A 442 43.67 9.98 -4.60
C THR A 442 43.25 11.46 -4.71
N PHE A 443 41.96 11.68 -4.95
CA PHE A 443 41.35 12.99 -5.03
C PHE A 443 40.49 13.18 -3.77
N TYR A 444 40.74 14.24 -3.03
CA TYR A 444 39.95 14.57 -1.88
C TYR A 444 39.10 15.69 -2.41
N VAL A 445 37.78 15.51 -2.40
CA VAL A 445 36.92 16.52 -2.98
C VAL A 445 36.11 17.26 -1.94
N ASP A 446 35.56 18.39 -2.34
CA ASP A 446 34.72 19.18 -1.46
C ASP A 446 34.02 20.33 -2.21
N GLY A 447 32.84 20.69 -1.72
CA GLY A 447 32.04 21.78 -2.24
C GLY A 447 31.56 22.66 -1.08
N ALA A 448 31.37 23.94 -1.35
CA ALA A 448 30.89 24.88 -0.33
C ALA A 448 29.96 25.91 -1.00
N ALA A 449 28.87 26.27 -0.34
CA ALA A 449 27.94 27.26 -0.88
C ALA A 449 27.40 28.21 0.20
N ASN A 450 27.37 29.49 -0.15
CA ASN A 450 26.87 30.55 0.68
C ASN A 450 25.36 30.67 0.47
N ARG A 451 24.59 30.56 1.55
CA ARG A 451 23.14 30.58 1.43
C ARG A 451 22.58 31.97 1.12
N GLU A 452 23.31 33.00 1.52
CA GLU A 452 22.87 34.37 1.26
C GLU A 452 23.01 34.77 -0.22
N THR A 453 24.24 34.67 -0.71
CA THR A 453 24.58 35.01 -2.10
C THR A 453 24.30 33.90 -3.12
N LYS A 454 24.12 32.66 -2.64
CA LYS A 454 23.88 31.54 -3.56
C LYS A 454 25.09 31.17 -4.42
N LEU A 455 26.27 31.68 -4.08
CA LEU A 455 27.42 31.30 -4.84
C LEU A 455 28.29 30.35 -4.03
N GLY A 456 29.12 29.54 -4.70
CA GLY A 456 29.95 28.55 -4.06
C GLY A 456 31.13 28.14 -4.91
N LYS A 457 31.91 27.20 -4.40
CA LYS A 457 33.08 26.68 -5.11
C LYS A 457 33.17 25.17 -4.94
N ALA A 458 33.65 24.50 -5.99
CA ALA A 458 33.85 23.05 -6.01
C ALA A 458 35.34 22.81 -6.30
N GLY A 459 35.95 21.81 -5.66
CA GLY A 459 37.36 21.54 -5.85
C GLY A 459 37.95 20.23 -5.36
N TYR A 460 39.26 20.10 -5.56
CA TYR A 460 40.01 18.92 -5.13
C TYR A 460 41.49 19.19 -4.85
N VAL A 461 42.09 18.32 -4.04
CA VAL A 461 43.51 18.30 -3.77
C VAL A 461 43.85 16.80 -3.83
N THR A 462 44.86 16.44 -4.63
CA THR A 462 45.27 15.05 -4.77
C THR A 462 46.55 14.77 -3.97
N ASN A 463 46.90 13.50 -3.80
CA ASN A 463 48.04 13.10 -3.00
C ASN A 463 49.30 13.21 -3.90
N ARG A 464 49.05 13.49 -5.16
CA ARG A 464 50.09 13.50 -6.16
C ARG A 464 50.39 14.92 -6.66
N GLY A 465 50.06 15.90 -5.80
CA GLY A 465 50.30 17.31 -6.05
C GLY A 465 49.22 18.24 -6.58
N ARG A 466 48.31 17.75 -7.40
CA ARG A 466 47.31 18.63 -7.99
C ARG A 466 46.31 19.26 -7.04
N GLN A 467 45.61 20.28 -7.56
CA GLN A 467 44.59 21.03 -6.83
C GLN A 467 43.83 21.83 -7.88
N LYS A 468 42.62 22.21 -7.56
CA LYS A 468 41.79 23.00 -8.45
C LYS A 468 40.57 23.41 -7.65
N VAL A 469 40.08 24.61 -7.96
CA VAL A 469 38.88 25.17 -7.38
C VAL A 469 38.16 25.91 -8.48
N VAL A 470 36.87 25.62 -8.62
CA VAL A 470 36.05 26.27 -9.64
C VAL A 470 34.94 27.04 -8.90
N THR A 471 34.50 28.15 -9.50
CA THR A 471 33.46 28.99 -8.91
C THR A 471 32.10 28.72 -9.56
N LEU A 472 31.05 28.74 -8.74
CA LEU A 472 29.69 28.47 -9.22
C LEU A 472 28.79 29.58 -8.69
N THR A 473 27.77 29.96 -9.44
CA THR A 473 26.96 31.13 -9.07
C THR A 473 25.53 31.02 -8.53
N ASP A 474 24.77 30.01 -8.93
CA ASP A 474 23.46 29.95 -8.31
C ASP A 474 23.25 28.56 -7.79
N THR A 475 24.12 28.19 -6.83
CA THR A 475 24.14 26.84 -6.31
C THR A 475 23.60 26.66 -4.93
N THR A 476 23.88 25.43 -4.47
CA THR A 476 23.48 24.90 -3.19
C THR A 476 24.66 24.00 -2.80
N ASN A 477 24.74 23.68 -1.52
CA ASN A 477 25.77 22.83 -1.02
C ASN A 477 25.77 21.51 -1.78
N GLN A 478 24.58 20.93 -1.91
CA GLN A 478 24.43 19.68 -2.62
C GLN A 478 25.05 19.76 -4.01
N LYS A 479 24.76 20.85 -4.72
CA LYS A 479 25.28 21.02 -6.08
C LYS A 479 26.84 21.13 -6.13
N THR A 480 27.43 21.86 -5.18
CA THR A 480 28.87 21.99 -5.09
C THR A 480 29.58 20.63 -4.89
N GLU A 481 29.03 19.80 -3.97
CA GLU A 481 29.54 18.46 -3.62
C GLU A 481 29.53 17.50 -4.78
N LEU A 482 28.53 17.64 -5.63
CA LEU A 482 28.41 16.84 -6.86
C LEU A 482 29.33 17.44 -7.96
N GLN A 483 29.44 18.77 -7.97
CA GLN A 483 30.31 19.45 -8.91
C GLN A 483 31.74 19.05 -8.58
N ALA A 484 32.05 18.94 -7.28
CA ALA A 484 33.38 18.55 -6.85
C ALA A 484 33.78 17.16 -7.34
N ILE A 485 32.87 16.19 -7.24
CA ILE A 485 33.11 14.81 -7.64
C ILE A 485 33.34 14.74 -9.13
N TYR A 486 32.55 15.49 -9.87
CA TYR A 486 32.69 15.55 -11.33
C TYR A 486 34.07 16.07 -11.78
N LEU A 487 34.58 17.07 -11.08
CA LEU A 487 35.90 17.63 -11.37
C LEU A 487 36.93 16.52 -11.26
N ALA A 488 36.93 15.81 -10.13
CA ALA A 488 37.86 14.72 -9.90
C ALA A 488 37.81 13.60 -10.93
N LEU A 489 36.65 13.40 -11.56
CA LEU A 489 36.48 12.36 -12.56
C LEU A 489 36.91 12.85 -13.93
N GLN A 490 36.89 14.15 -14.10
CA GLN A 490 37.30 14.70 -15.38
C GLN A 490 38.83 14.73 -15.48
N ASP A 491 39.48 15.13 -14.40
CA ASP A 491 40.92 15.31 -14.37
C ASP A 491 41.72 14.07 -14.04
N SER A 492 41.06 12.96 -13.75
CA SER A 492 41.75 11.77 -13.27
C SER A 492 42.24 10.67 -14.22
N GLY A 493 41.59 10.46 -15.36
CA GLY A 493 42.02 9.31 -16.16
C GLY A 493 41.62 8.00 -15.46
N LEU A 494 41.50 6.89 -16.22
CA LEU A 494 41.05 5.62 -15.63
C LEU A 494 41.69 5.33 -14.28
N GLU A 495 41.04 4.53 -13.44
CA GLU A 495 41.52 4.30 -12.08
C GLU A 495 41.67 5.56 -11.23
N VAL A 496 40.91 5.66 -10.13
CA VAL A 496 40.96 6.83 -9.23
C VAL A 496 40.40 6.47 -7.89
N ASN A 497 40.85 7.17 -6.86
CA ASN A 497 40.28 7.04 -5.54
C ASN A 497 39.76 8.42 -5.24
N ILE A 498 38.49 8.51 -4.83
CA ILE A 498 37.89 9.81 -4.51
C ILE A 498 37.38 9.78 -3.09
N VAL A 499 37.76 10.74 -2.28
CA VAL A 499 37.24 10.81 -0.92
C VAL A 499 36.43 12.06 -0.64
N THR A 500 35.15 11.86 -0.38
CA THR A 500 34.21 12.94 -0.14
C THR A 500 33.70 12.96 1.29
N ASP A 501 33.17 14.09 1.73
CA ASP A 501 32.55 14.19 3.05
C ASP A 501 31.03 14.29 2.90
N SER A 502 30.56 14.13 1.66
CA SER A 502 29.12 14.22 1.35
C SER A 502 28.37 12.89 1.32
N GLN A 503 27.58 12.62 2.36
CA GLN A 503 26.74 11.41 2.43
C GLN A 503 25.76 11.45 1.29
N TYR A 504 25.27 12.65 1.00
CA TYR A 504 24.35 12.86 -0.11
C TYR A 504 24.90 12.35 -1.43
N ALA A 505 26.06 12.83 -1.85
CA ALA A 505 26.61 12.38 -3.14
C ALA A 505 27.01 10.91 -3.14
N LEU A 506 27.41 10.42 -1.98
CA LEU A 506 27.81 9.01 -1.78
C LEU A 506 26.61 8.11 -2.06
N GLY A 507 25.51 8.39 -1.35
CA GLY A 507 24.29 7.61 -1.47
C GLY A 507 23.83 7.49 -2.90
N ILE A 508 23.89 8.60 -3.62
CA ILE A 508 23.48 8.58 -4.99
C ILE A 508 24.39 7.66 -5.83
N ILE A 509 25.70 7.84 -5.73
CA ILE A 509 26.60 7.04 -6.55
C ILE A 509 26.67 5.58 -6.19
N GLN A 510 26.52 5.28 -4.91
CA GLN A 510 26.56 3.92 -4.49
C GLN A 510 25.41 3.06 -5.04
N ALA A 511 24.30 3.71 -5.43
CA ALA A 511 23.13 2.99 -5.99
C ALA A 511 23.23 2.75 -7.50
N GLN A 512 24.43 3.01 -8.05
CA GLN A 512 24.70 2.75 -9.46
C GLN A 512 23.68 3.31 -10.44
N PRO A 513 23.37 4.61 -10.34
CA PRO A 513 22.40 5.24 -11.23
C PRO A 513 22.86 5.18 -12.67
N ASP A 514 21.92 5.03 -13.60
CA ASP A 514 22.23 5.10 -15.04
C ASP A 514 21.45 6.23 -15.66
N GLN A 515 20.50 6.77 -14.92
CA GLN A 515 19.70 7.90 -15.40
C GLN A 515 19.26 8.77 -14.23
N SER A 516 19.18 10.08 -14.45
CA SER A 516 18.82 11.03 -13.40
C SER A 516 18.06 12.23 -13.92
N GLU A 517 17.35 12.87 -13.01
CA GLU A 517 16.63 14.11 -13.28
C GLU A 517 17.67 15.25 -13.39
N SER A 518 18.77 15.10 -12.65
CA SER A 518 19.91 16.04 -12.64
C SER A 518 20.91 15.80 -13.78
N GLU A 519 21.08 16.80 -14.64
CA GLU A 519 22.03 16.71 -15.76
C GLU A 519 23.47 16.59 -15.24
N LEU A 520 23.71 17.18 -14.07
CA LEU A 520 25.01 17.06 -13.43
C LEU A 520 25.22 15.58 -13.09
N VAL A 521 24.20 14.94 -12.53
CA VAL A 521 24.27 13.52 -12.20
C VAL A 521 24.52 12.71 -13.46
N ASN A 522 23.84 13.07 -14.54
CA ASN A 522 24.07 12.39 -15.83
C ASN A 522 25.50 12.55 -16.33
N GLN A 523 26.11 13.72 -16.08
CA GLN A 523 27.51 13.96 -16.50
C GLN A 523 28.44 13.10 -15.65
N ILE A 524 28.19 13.02 -14.35
CA ILE A 524 28.98 12.12 -13.50
C ILE A 524 28.90 10.69 -14.03
N ILE A 525 27.67 10.20 -14.27
CA ILE A 525 27.42 8.83 -14.78
C ILE A 525 28.17 8.52 -16.09
N GLU A 526 28.11 9.47 -17.02
CA GLU A 526 28.80 9.34 -18.31
C GLU A 526 30.31 9.21 -18.07
N GLN A 527 30.84 9.93 -17.08
CA GLN A 527 32.25 9.80 -16.67
C GLN A 527 32.58 8.43 -16.02
N LEU A 528 31.72 7.96 -15.13
CA LEU A 528 31.88 6.69 -14.38
C LEU A 528 31.93 5.48 -15.28
N ILE A 529 31.17 5.54 -16.34
CA ILE A 529 31.12 4.46 -17.31
C ILE A 529 32.42 4.44 -18.12
N LYS A 530 33.08 5.58 -18.24
CA LYS A 530 34.35 5.69 -18.97
C LYS A 530 35.56 5.14 -18.20
N LYS A 531 35.50 5.18 -16.86
CA LYS A 531 36.61 4.67 -16.04
C LYS A 531 36.80 3.16 -16.06
N GLU A 532 37.98 2.74 -15.58
CA GLU A 532 38.34 1.32 -15.47
C GLU A 532 38.00 0.88 -14.07
N LYS A 533 38.46 1.68 -13.11
CA LYS A 533 38.27 1.43 -11.68
C LYS A 533 38.01 2.76 -10.97
N VAL A 534 37.01 2.78 -10.06
CA VAL A 534 36.72 3.95 -9.21
C VAL A 534 36.45 3.42 -7.81
N TYR A 535 37.15 3.92 -6.81
CA TYR A 535 36.84 3.56 -5.44
C TYR A 535 36.35 4.89 -4.89
N LEU A 536 35.28 4.87 -4.12
CA LEU A 536 34.71 6.10 -3.56
C LEU A 536 34.48 5.92 -2.10
N ALA A 537 34.92 6.85 -1.29
CA ALA A 537 34.76 6.64 0.15
C ALA A 537 34.38 7.94 0.78
N TRP A 538 33.92 7.84 2.02
CA TRP A 538 33.45 9.00 2.77
C TRP A 538 34.18 9.18 4.08
N VAL A 539 34.31 10.43 4.51
CA VAL A 539 34.91 10.76 5.79
C VAL A 539 34.06 11.88 6.42
N PRO A 540 33.97 11.92 7.74
CA PRO A 540 33.18 12.99 8.38
C PRO A 540 33.84 14.37 8.14
N ALA A 541 33.03 15.39 7.90
CA ALA A 541 33.63 16.70 7.68
C ALA A 541 34.01 17.35 9.00
N HIS A 542 34.98 18.25 8.95
CA HIS A 542 35.41 19.02 10.13
C HIS A 542 36.20 18.23 11.17
N LYS A 543 36.88 17.18 10.73
CA LYS A 543 37.76 16.46 11.61
C LYS A 543 39.14 16.88 11.11
N GLY A 544 40.20 16.23 11.58
CA GLY A 544 41.49 16.63 11.07
C GLY A 544 41.81 15.94 9.76
N ILE A 545 40.98 14.97 9.38
CA ILE A 545 41.21 14.16 8.20
C ILE A 545 41.94 14.84 7.06
N GLY A 546 43.17 14.36 6.82
CA GLY A 546 44.11 14.84 5.83
C GLY A 546 43.53 15.63 4.69
N GLY A 547 43.78 15.19 3.46
CA GLY A 547 43.33 15.85 2.23
C GLY A 547 42.02 16.62 2.32
N ASN A 548 41.13 16.16 3.21
CA ASN A 548 39.82 16.76 3.42
C ASN A 548 39.93 18.17 4.00
N GLU A 549 40.72 18.30 5.07
CA GLU A 549 40.89 19.57 5.73
C GLU A 549 41.47 20.60 4.77
N GLN A 550 42.22 20.13 3.76
CA GLN A 550 42.87 20.98 2.78
C GLN A 550 41.97 21.49 1.65
N VAL A 551 41.15 20.60 1.07
CA VAL A 551 40.22 21.03 0.03
C VAL A 551 39.10 21.86 0.68
N ASP A 552 38.86 21.62 1.97
CA ASP A 552 37.82 22.34 2.68
C ASP A 552 38.21 23.80 2.83
N LYS A 553 39.46 24.03 3.23
CA LYS A 553 39.95 25.37 3.42
C LYS A 553 40.05 26.03 2.04
N LEU A 554 40.54 25.29 1.07
CA LEU A 554 40.63 25.80 -0.28
C LEU A 554 39.26 26.30 -0.80
N VAL A 555 38.25 25.46 -0.63
CA VAL A 555 36.90 25.67 -1.14
C VAL A 555 36.04 26.63 -0.30
N SER A 556 36.40 26.77 0.97
CA SER A 556 35.66 27.66 1.86
C SER A 556 35.98 29.12 1.57
N ALA A 557 37.22 29.39 1.18
CA ALA A 557 37.70 30.75 0.91
C ALA A 557 36.72 31.61 0.13
N GLY A 558 36.10 32.58 0.82
CA GLY A 558 35.13 33.50 0.21
C GLY A 558 33.70 33.00 0.14
N ILE A 559 33.54 31.69 0.33
CA ILE A 559 32.24 31.04 0.34
C ILE A 559 32.10 30.37 1.70
N ARG A 560 32.21 31.16 2.77
CA ARG A 560 32.15 30.68 4.16
C ARG A 560 33.53 30.40 4.74
N ILE B 8 -25.90 -12.71 28.67
CA ILE B 8 -24.84 -11.88 29.27
C ILE B 8 -25.05 -10.40 28.88
N GLU B 9 -24.41 -9.52 29.65
CA GLU B 9 -24.48 -8.08 29.39
C GLU B 9 -23.23 -7.65 28.59
N THR B 10 -23.26 -6.44 28.06
CA THR B 10 -22.15 -5.96 27.25
C THR B 10 -21.59 -4.68 27.82
N VAL B 11 -20.29 -4.48 27.68
CA VAL B 11 -19.73 -3.23 28.12
C VAL B 11 -19.82 -2.18 27.01
N PRO B 12 -20.42 -1.02 27.32
CA PRO B 12 -20.58 0.07 26.34
C PRO B 12 -19.21 0.48 25.85
N VAL B 13 -19.12 0.88 24.58
CA VAL B 13 -17.85 1.30 23.99
C VAL B 13 -18.02 2.57 23.16
N LYS B 14 -17.19 3.57 23.40
CA LYS B 14 -17.24 4.77 22.57
C LYS B 14 -15.92 5.02 21.82
N LEU B 15 -16.03 5.71 20.69
CA LEU B 15 -14.87 6.06 19.87
C LEU B 15 -14.23 7.29 20.50
N LYS B 16 -13.17 7.81 19.88
CA LYS B 16 -12.48 8.99 20.37
C LYS B 16 -13.06 10.35 19.97
N PRO B 17 -14.12 10.82 20.67
CA PRO B 17 -14.91 12.07 20.59
C PRO B 17 -14.74 12.84 19.28
N GLY B 18 -15.81 12.91 18.49
CA GLY B 18 -15.77 13.58 17.20
C GLY B 18 -14.85 12.82 16.27
N MET B 19 -14.82 11.50 16.46
CA MET B 19 -14.01 10.60 15.67
C MET B 19 -14.94 9.54 15.11
N ASP B 20 -14.79 9.25 13.82
CA ASP B 20 -15.64 8.24 13.18
C ASP B 20 -14.97 6.86 13.11
N GLY B 21 -15.70 5.92 12.57
CA GLY B 21 -15.23 4.57 12.42
C GLY B 21 -14.18 4.49 11.33
N PRO B 22 -13.56 3.33 11.20
CA PRO B 22 -12.50 3.11 10.21
C PRO B 22 -13.10 2.93 8.83
N LYS B 23 -12.44 3.46 7.79
CA LYS B 23 -12.94 3.29 6.40
C LYS B 23 -11.72 2.95 5.59
N VAL B 24 -11.13 1.81 5.93
CA VAL B 24 -9.89 1.35 5.37
C VAL B 24 -10.19 0.36 4.28
N LYS B 25 -9.58 0.62 3.14
CA LYS B 25 -9.69 -0.18 1.92
C LYS B 25 -9.20 -1.62 2.09
N GLN B 26 -9.94 -2.55 1.50
CA GLN B 26 -9.55 -3.95 1.50
C GLN B 26 -8.53 -4.18 0.38
N TRP B 27 -7.35 -4.66 0.74
CA TRP B 27 -6.27 -4.96 -0.20
C TRP B 27 -6.66 -6.19 -0.99
N PRO B 28 -6.07 -6.34 -2.18
CA PRO B 28 -6.42 -7.50 -3.00
C PRO B 28 -5.80 -8.78 -2.50
N LEU B 29 -6.59 -9.84 -2.51
CA LEU B 29 -6.23 -11.16 -1.99
C LEU B 29 -6.19 -12.13 -3.15
N THR B 30 -5.43 -13.19 -2.99
CA THR B 30 -5.31 -14.26 -3.97
C THR B 30 -6.52 -15.17 -3.87
N GLU B 31 -6.73 -15.96 -4.90
CA GLU B 31 -7.83 -16.92 -4.97
C GLU B 31 -7.93 -17.87 -3.79
N GLU B 32 -6.81 -18.40 -3.34
CA GLU B 32 -6.83 -19.36 -2.25
C GLU B 32 -7.07 -18.73 -0.88
N LYS B 33 -6.67 -17.47 -0.73
CA LYS B 33 -6.96 -16.79 0.54
C LYS B 33 -8.43 -16.36 0.58
N ILE B 34 -8.97 -15.93 -0.56
CA ILE B 34 -10.41 -15.59 -0.64
C ILE B 34 -11.28 -16.85 -0.31
N LYS B 35 -11.00 -17.96 -0.96
CA LYS B 35 -11.67 -19.24 -0.66
C LYS B 35 -11.49 -19.72 0.81
N ALA B 36 -10.30 -19.57 1.36
CA ALA B 36 -10.13 -19.94 2.78
C ALA B 36 -11.03 -19.07 3.67
N LEU B 37 -11.11 -17.78 3.38
CA LEU B 37 -11.93 -16.84 4.19
C LEU B 37 -13.45 -17.10 4.06
N VAL B 38 -13.91 -17.36 2.84
CA VAL B 38 -15.29 -17.64 2.57
C VAL B 38 -15.68 -18.85 3.44
N GLU B 39 -14.82 -19.86 3.43
CA GLU B 39 -15.04 -21.06 4.25
C GLU B 39 -15.08 -20.74 5.74
N ILE B 40 -14.08 -20.02 6.24
CA ILE B 40 -14.03 -19.63 7.64
C ILE B 40 -15.23 -18.78 8.07
N CYS B 41 -15.54 -17.78 7.27
CA CYS B 41 -16.61 -16.87 7.61
C CYS B 41 -18.00 -17.50 7.57
N THR B 42 -18.20 -18.46 6.66
CA THR B 42 -19.48 -19.16 6.52
C THR B 42 -19.76 -19.94 7.80
N GLU B 43 -18.69 -20.51 8.38
CA GLU B 43 -18.78 -21.23 9.65
C GLU B 43 -19.00 -20.35 10.88
N MET B 44 -18.37 -19.17 10.91
CA MET B 44 -18.55 -18.21 12.02
C MET B 44 -19.96 -17.67 12.01
N GLU B 45 -20.45 -17.41 10.83
CA GLU B 45 -21.80 -16.85 10.69
C GLU B 45 -22.81 -17.90 11.19
N LYS B 46 -22.67 -19.13 10.70
CA LYS B 46 -23.50 -20.24 11.13
C LYS B 46 -23.57 -20.31 12.65
N GLU B 47 -22.43 -20.05 13.29
CA GLU B 47 -22.33 -20.04 14.76
C GLU B 47 -22.72 -18.73 15.40
N GLY B 48 -23.14 -17.72 14.63
CA GLY B 48 -23.50 -16.43 15.22
C GLY B 48 -22.39 -15.46 15.64
N LYS B 49 -21.14 -15.76 15.31
CA LYS B 49 -20.03 -14.86 15.68
C LYS B 49 -20.02 -13.49 14.92
N ILE B 50 -20.49 -13.53 13.67
CA ILE B 50 -20.57 -12.37 12.76
C ILE B 50 -21.87 -12.51 11.97
N SER B 51 -22.38 -11.39 11.44
CA SER B 51 -23.58 -11.43 10.56
C SER B 51 -23.36 -10.57 9.33
N LYS B 52 -24.06 -10.91 8.25
CA LYS B 52 -24.03 -10.11 7.03
C LYS B 52 -24.63 -8.74 7.26
N ILE B 53 -24.14 -7.75 6.51
CA ILE B 53 -24.60 -6.39 6.71
C ILE B 53 -25.02 -5.74 5.41
N GLY B 54 -25.77 -4.63 5.54
CA GLY B 54 -26.32 -3.84 4.44
C GLY B 54 -25.48 -2.64 4.09
N PRO B 55 -25.78 -1.99 2.95
CA PRO B 55 -25.06 -0.86 2.35
C PRO B 55 -25.02 0.34 3.26
N GLU B 56 -25.89 0.31 4.26
CA GLU B 56 -25.97 1.39 5.25
C GLU B 56 -24.86 1.35 6.31
N ASN B 57 -23.92 0.42 6.15
CA ASN B 57 -22.73 0.37 7.03
C ASN B 57 -21.60 0.78 6.12
N PRO B 58 -21.04 1.97 6.33
CA PRO B 58 -19.98 2.41 5.40
C PRO B 58 -18.57 2.15 5.91
N TYR B 59 -18.46 1.38 6.98
CA TYR B 59 -17.16 1.12 7.60
C TYR B 59 -16.42 -0.05 7.01
N ASN B 60 -15.13 -0.06 7.27
CA ASN B 60 -14.35 -1.16 6.79
C ASN B 60 -13.04 -1.30 7.49
N THR B 61 -12.67 -2.56 7.71
CA THR B 61 -11.39 -2.92 8.27
C THR B 61 -10.88 -4.03 7.37
N PRO B 62 -9.58 -4.00 6.98
CA PRO B 62 -9.05 -5.07 6.13
C PRO B 62 -8.96 -6.44 6.80
N VAL B 63 -8.96 -7.48 5.98
CA VAL B 63 -8.90 -8.85 6.46
C VAL B 63 -7.96 -9.67 5.57
N PHE B 64 -7.27 -10.65 6.15
CA PHE B 64 -6.30 -11.48 5.41
C PHE B 64 -6.41 -12.89 5.90
N ALA B 65 -5.63 -13.77 5.30
CA ALA B 65 -5.53 -15.17 5.75
C ALA B 65 -4.07 -15.54 5.95
N ILE B 66 -3.76 -16.09 7.11
CA ILE B 66 -2.39 -16.52 7.42
C ILE B 66 -2.39 -18.00 7.78
N LYS B 67 -1.22 -18.63 7.78
CA LYS B 67 -1.11 -20.04 8.14
C LYS B 67 -0.87 -20.24 9.65
N LYS B 68 0.03 -19.45 10.24
CA LYS B 68 0.32 -19.56 11.69
C LYS B 68 1.22 -20.76 12.06
N LYS B 69 2.47 -20.45 12.41
CA LYS B 69 3.54 -21.42 12.75
C LYS B 69 3.25 -22.93 12.84
N ASP B 70 3.88 -23.67 11.93
CA ASP B 70 3.74 -25.12 11.84
C ASP B 70 2.29 -25.64 11.85
N SER B 71 1.46 -25.01 11.03
CA SER B 71 0.05 -25.40 10.89
C SER B 71 -0.39 -25.31 9.43
N THR B 72 -1.16 -26.29 9.00
CA THR B 72 -1.63 -26.37 7.61
C THR B 72 -2.93 -25.60 7.46
N LYS B 73 -3.62 -25.42 8.59
CA LYS B 73 -4.89 -24.72 8.65
C LYS B 73 -4.78 -23.20 8.37
N TRP B 74 -5.78 -22.66 7.69
CA TRP B 74 -5.85 -21.22 7.43
C TRP B 74 -6.46 -20.52 8.62
N ARG B 75 -5.90 -19.38 8.96
CA ARG B 75 -6.40 -18.58 10.07
C ARG B 75 -6.85 -17.24 9.46
N LYS B 76 -7.99 -16.74 9.88
CA LYS B 76 -8.42 -15.43 9.40
C LYS B 76 -7.66 -14.40 10.21
N LEU B 77 -7.12 -13.37 9.58
CA LEU B 77 -6.47 -12.31 10.35
C LEU B 77 -7.05 -10.92 10.04
N VAL B 78 -7.68 -10.28 11.02
CA VAL B 78 -8.27 -8.96 10.84
C VAL B 78 -7.32 -7.83 11.22
N ASP B 79 -7.13 -6.86 10.33
CA ASP B 79 -6.24 -5.74 10.65
C ASP B 79 -6.99 -4.60 11.34
N PHE B 80 -7.01 -4.59 12.67
CA PHE B 80 -7.72 -3.56 13.45
C PHE B 80 -6.83 -2.41 13.88
N ARG B 81 -5.72 -2.25 13.17
CA ARG B 81 -4.83 -1.14 13.46
C ARG B 81 -5.55 0.21 13.55
N GLU B 82 -6.44 0.51 12.60
CA GLU B 82 -7.20 1.78 12.59
C GLU B 82 -8.26 1.87 13.72
N LEU B 83 -9.08 0.84 13.87
CA LEU B 83 -10.07 0.79 14.97
C LEU B 83 -9.36 0.89 16.33
N ASN B 84 -8.21 0.21 16.46
CA ASN B 84 -7.44 0.27 17.70
C ASN B 84 -7.01 1.73 17.95
N LYS B 85 -6.68 2.45 16.89
CA LYS B 85 -6.28 3.85 17.03
C LYS B 85 -7.48 4.70 17.44
N ARG B 86 -8.66 4.37 16.90
CA ARG B 86 -9.86 5.12 17.23
C ARG B 86 -10.54 4.74 18.55
N THR B 87 -9.91 3.82 19.28
CA THR B 87 -10.47 3.34 20.56
C THR B 87 -9.47 3.32 21.69
N GLN B 88 -8.34 3.99 21.51
CA GLN B 88 -7.26 4.01 22.50
C GLN B 88 -7.56 4.52 23.89
N ASP B 89 -8.62 5.31 24.04
CA ASP B 89 -8.96 5.77 25.38
C ASP B 89 -9.65 4.62 26.09
N PHE B 90 -10.42 3.82 25.34
CA PHE B 90 -11.12 2.69 25.94
C PHE B 90 -10.13 1.60 26.45
N TRP B 91 -9.44 0.95 25.52
CA TRP B 91 -8.49 -0.11 25.91
C TRP B 91 -7.29 0.35 26.72
N GLU B 92 -6.85 1.59 26.53
CA GLU B 92 -5.67 2.03 27.25
C GLU B 92 -5.84 2.79 28.57
N VAL B 93 -6.69 3.80 28.59
CA VAL B 93 -6.94 4.58 29.81
C VAL B 93 -8.09 3.99 30.66
N GLN B 94 -9.29 3.91 30.07
CA GLN B 94 -10.43 3.33 30.74
C GLN B 94 -10.17 1.92 31.29
N LEU B 95 -9.77 1.00 30.40
CA LEU B 95 -9.56 -0.42 30.76
C LEU B 95 -8.16 -0.97 30.50
N GLY B 96 -7.11 -0.18 30.78
CA GLY B 96 -5.74 -0.58 30.54
C GLY B 96 -5.28 -1.81 31.30
N ILE B 97 -4.42 -2.64 30.67
CA ILE B 97 -3.88 -3.86 31.28
C ILE B 97 -2.44 -3.60 31.73
N PRO B 98 -2.20 -3.62 33.06
CA PRO B 98 -0.83 -3.34 33.55
C PRO B 98 0.21 -4.31 32.97
N HIS B 99 1.35 -3.80 32.54
CA HIS B 99 2.43 -4.67 32.06
C HIS B 99 3.48 -4.88 33.20
N PRO B 100 3.82 -6.17 33.54
CA PRO B 100 4.77 -6.51 34.62
C PRO B 100 6.23 -6.40 34.25
N ALA B 101 7.00 -5.71 35.07
CA ALA B 101 8.42 -5.54 34.77
C ALA B 101 9.25 -6.80 34.99
N GLY B 102 8.76 -7.70 35.82
CA GLY B 102 9.48 -8.94 36.07
C GLY B 102 9.46 -9.89 34.88
N LEU B 103 8.47 -9.76 33.98
CA LEU B 103 8.42 -10.67 32.82
C LEU B 103 9.70 -10.84 32.03
N LYS B 104 10.37 -9.73 31.71
CA LYS B 104 11.60 -9.78 30.91
C LYS B 104 12.74 -10.43 31.66
N LYS B 105 12.56 -10.61 32.96
CA LYS B 105 13.63 -11.20 33.76
C LYS B 105 13.66 -12.74 33.81
N LYS B 106 12.52 -13.36 33.57
CA LYS B 106 12.35 -14.82 33.63
C LYS B 106 13.23 -15.51 32.64
N LYS B 107 13.64 -16.75 32.96
CA LYS B 107 14.56 -17.51 32.11
C LYS B 107 13.83 -18.03 30.94
N SER B 108 12.56 -18.33 31.19
CA SER B 108 11.73 -18.91 30.14
C SER B 108 10.38 -18.23 30.04
N VAL B 109 10.04 -17.83 28.81
CA VAL B 109 8.75 -17.22 28.55
C VAL B 109 8.03 -18.01 27.45
N THR B 110 6.83 -18.46 27.78
CA THR B 110 6.03 -19.19 26.79
C THR B 110 4.84 -18.34 26.35
N VAL B 111 4.59 -18.31 25.04
CA VAL B 111 3.51 -17.52 24.46
C VAL B 111 2.38 -18.44 24.10
N LEU B 112 1.18 -18.17 24.57
CA LEU B 112 0.03 -19.04 24.23
C LEU B 112 -1.09 -18.21 23.66
N ASP B 113 -1.69 -18.72 22.60
CA ASP B 113 -2.77 -18.09 21.86
C ASP B 113 -4.05 -18.32 22.59
N VAL B 114 -4.70 -17.26 23.01
CA VAL B 114 -5.89 -17.40 23.82
C VAL B 114 -7.10 -16.68 23.20
N GLY B 115 -7.03 -16.38 21.88
CA GLY B 115 -8.02 -15.64 21.10
C GLY B 115 -9.44 -16.21 21.04
N ASP B 116 -9.55 -17.55 21.05
CA ASP B 116 -10.86 -18.26 21.08
C ASP B 116 -11.69 -17.83 22.29
N ALA B 117 -11.03 -17.40 23.37
CA ALA B 117 -11.75 -16.92 24.52
C ALA B 117 -12.79 -15.87 24.19
N TYR B 118 -12.46 -15.00 23.25
CA TYR B 118 -13.30 -13.85 22.92
C TYR B 118 -14.69 -14.12 22.35
N PHE B 119 -14.85 -15.20 21.61
CA PHE B 119 -16.12 -15.38 20.95
C PHE B 119 -17.27 -15.85 21.83
N SER B 120 -17.06 -15.84 23.13
CA SER B 120 -18.11 -16.26 24.06
C SER B 120 -18.73 -15.03 24.69
N VAL B 121 -18.06 -13.90 24.48
CA VAL B 121 -18.52 -12.63 25.01
C VAL B 121 -19.21 -11.82 23.95
N PRO B 122 -20.40 -11.28 24.26
CA PRO B 122 -21.03 -10.48 23.20
C PRO B 122 -20.50 -9.08 23.19
N LEU B 123 -20.55 -8.47 22.02
CA LEU B 123 -20.11 -7.10 21.77
C LEU B 123 -21.33 -6.15 21.84
N ASP B 124 -21.13 -5.01 22.48
CA ASP B 124 -22.14 -3.94 22.55
C ASP B 124 -22.78 -3.71 21.17
N GLU B 125 -24.11 -3.80 21.08
CA GLU B 125 -24.81 -3.61 19.82
C GLU B 125 -24.48 -2.33 19.06
N ASP B 126 -24.28 -1.23 19.76
CA ASP B 126 -24.00 0.04 19.13
C ASP B 126 -22.57 0.23 18.62
N PHE B 127 -21.73 -0.78 18.84
CA PHE B 127 -20.35 -0.68 18.43
C PHE B 127 -20.09 -1.68 17.30
N ARG B 128 -20.94 -2.70 17.21
CA ARG B 128 -20.75 -3.73 16.22
C ARG B 128 -20.42 -3.20 14.82
N LYS B 129 -21.19 -2.22 14.37
CA LYS B 129 -21.05 -1.68 13.03
C LYS B 129 -19.62 -1.27 12.62
N TYR B 130 -18.84 -0.79 13.59
CA TYR B 130 -17.45 -0.41 13.37
C TYR B 130 -16.45 -1.54 13.08
N THR B 131 -16.89 -2.79 13.30
CA THR B 131 -16.09 -4.02 13.10
C THR B 131 -16.33 -4.62 11.71
N ALA B 132 -17.01 -3.85 10.86
CA ALA B 132 -17.34 -4.28 9.51
C ALA B 132 -16.08 -4.59 8.71
N PHE B 133 -16.17 -5.61 7.87
CA PHE B 133 -15.07 -6.00 7.00
C PHE B 133 -15.69 -6.66 5.77
N THR B 134 -14.87 -6.91 4.75
CA THR B 134 -15.32 -7.38 3.43
C THR B 134 -14.50 -8.55 2.89
N ILE B 135 -15.15 -9.53 2.28
CA ILE B 135 -14.41 -10.55 1.56
C ILE B 135 -14.55 -10.22 0.08
N PRO B 136 -13.43 -9.85 -0.56
CA PRO B 136 -13.52 -9.43 -1.96
C PRO B 136 -13.61 -10.62 -2.91
N SER B 137 -13.93 -10.36 -4.17
CA SER B 137 -13.95 -11.42 -5.18
C SER B 137 -12.83 -11.08 -6.16
N ILE B 138 -12.38 -12.07 -6.93
CA ILE B 138 -11.36 -11.86 -7.92
C ILE B 138 -11.97 -11.00 -9.04
N ASN B 139 -11.21 -10.05 -9.54
CA ASN B 139 -11.65 -9.25 -10.68
C ASN B 139 -12.94 -8.47 -10.41
N ASN B 140 -13.31 -8.38 -9.12
CA ASN B 140 -14.49 -7.63 -8.74
C ASN B 140 -15.73 -8.10 -9.49
N GLU B 141 -15.77 -9.38 -9.86
CA GLU B 141 -16.85 -9.93 -10.67
C GLU B 141 -18.16 -10.14 -9.90
N THR B 142 -18.07 -10.15 -8.57
CA THR B 142 -19.23 -10.29 -7.73
C THR B 142 -19.14 -9.28 -6.59
N PRO B 143 -20.25 -8.98 -5.92
CA PRO B 143 -19.95 -8.02 -4.87
C PRO B 143 -19.26 -8.65 -3.62
N GLY B 144 -18.47 -7.82 -2.94
CA GLY B 144 -17.78 -8.26 -1.74
C GLY B 144 -18.79 -8.77 -0.72
N ILE B 145 -18.38 -9.77 0.06
CA ILE B 145 -19.20 -10.32 1.13
C ILE B 145 -18.93 -9.50 2.38
N ARG B 146 -19.95 -8.78 2.85
CA ARG B 146 -19.85 -7.88 3.98
C ARG B 146 -20.37 -8.45 5.32
N TYR B 147 -19.56 -8.33 6.37
CA TYR B 147 -19.92 -8.80 7.71
C TYR B 147 -19.53 -7.80 8.79
N GLN B 148 -20.06 -8.01 9.98
CA GLN B 148 -19.67 -7.31 11.19
C GLN B 148 -19.75 -8.35 12.30
N TYR B 149 -19.08 -8.05 13.40
CA TYR B 149 -18.98 -8.94 14.53
C TYR B 149 -20.13 -8.85 15.54
N ASN B 150 -20.41 -9.98 16.20
CA ASN B 150 -21.45 -10.00 17.25
C ASN B 150 -20.80 -10.26 18.58
N VAL B 151 -19.52 -10.60 18.54
CA VAL B 151 -18.75 -10.97 19.73
C VAL B 151 -17.41 -10.24 19.71
N LEU B 152 -16.73 -10.23 20.85
CA LEU B 152 -15.41 -9.66 20.96
C LEU B 152 -14.54 -10.22 19.80
N PRO B 153 -13.99 -9.31 18.95
CA PRO B 153 -13.24 -9.86 17.84
C PRO B 153 -11.76 -10.02 18.18
N GLN B 154 -11.11 -10.96 17.53
CA GLN B 154 -9.69 -11.13 17.74
C GLN B 154 -8.96 -9.98 17.05
N GLY B 155 -7.92 -9.43 17.67
CA GLY B 155 -7.08 -8.40 17.06
C GLY B 155 -7.48 -6.99 17.43
N TRP B 156 -8.63 -6.86 18.06
CA TRP B 156 -9.14 -5.60 18.56
C TRP B 156 -8.65 -5.51 19.99
N LYS B 157 -7.95 -4.43 20.31
CA LYS B 157 -7.38 -4.24 21.65
C LYS B 157 -8.43 -4.01 22.72
N GLY B 158 -9.68 -3.84 22.32
CA GLY B 158 -10.81 -3.71 23.24
C GLY B 158 -11.23 -5.06 23.79
N SER B 159 -10.94 -6.13 23.05
CA SER B 159 -11.31 -7.47 23.50
C SER B 159 -10.57 -7.95 24.76
N PRO B 160 -9.24 -7.83 24.77
CA PRO B 160 -8.56 -8.23 26.02
C PRO B 160 -8.91 -7.31 27.21
N ALA B 161 -9.09 -6.02 26.96
CA ALA B 161 -9.50 -5.05 27.98
C ALA B 161 -10.85 -5.43 28.63
N ILE B 162 -11.76 -5.90 27.80
CA ILE B 162 -13.10 -6.26 28.28
C ILE B 162 -13.08 -7.62 28.97
N PHE B 163 -12.34 -8.56 28.40
CA PHE B 163 -12.30 -9.89 28.95
C PHE B 163 -11.41 -10.04 30.19
N GLN B 164 -10.71 -8.98 30.55
CA GLN B 164 -9.77 -8.89 31.66
C GLN B 164 -10.25 -9.59 32.95
N SER B 165 -11.44 -9.21 33.40
CA SER B 165 -12.07 -9.73 34.62
C SER B 165 -12.27 -11.24 34.63
N SER B 166 -12.66 -11.79 33.48
CA SER B 166 -12.87 -13.23 33.30
C SER B 166 -11.54 -13.95 33.24
N MET B 167 -10.54 -13.30 32.65
CA MET B 167 -9.20 -13.89 32.58
C MET B 167 -8.67 -14.04 33.97
N THR B 168 -8.87 -13.04 34.80
CA THR B 168 -8.40 -13.04 36.19
C THR B 168 -9.02 -14.15 37.01
N LYS B 169 -10.32 -14.39 36.81
CA LYS B 169 -11.02 -15.45 37.50
C LYS B 169 -10.41 -16.76 37.08
N ILE B 170 -10.24 -16.92 35.77
CA ILE B 170 -9.66 -18.13 35.17
C ILE B 170 -8.27 -18.50 35.64
N LEU B 171 -7.38 -17.51 35.78
CA LEU B 171 -5.96 -17.75 36.14
C LEU B 171 -5.73 -17.78 37.65
N GLU B 172 -6.73 -17.34 38.39
CA GLU B 172 -6.67 -17.23 39.84
C GLU B 172 -6.09 -18.44 40.62
N PRO B 173 -6.64 -19.65 40.42
CA PRO B 173 -6.06 -20.79 41.17
C PRO B 173 -4.62 -21.08 40.79
N PHE B 174 -4.34 -21.08 39.49
CA PHE B 174 -3.00 -21.32 39.01
C PHE B 174 -1.98 -20.28 39.55
N ARG B 175 -2.41 -19.03 39.63
CA ARG B 175 -1.53 -17.99 40.12
C ARG B 175 -1.29 -18.18 41.61
N LYS B 176 -2.36 -18.46 42.35
CA LYS B 176 -2.26 -18.74 43.78
C LYS B 176 -1.29 -19.91 43.99
N GLN B 177 -1.39 -20.98 43.20
CA GLN B 177 -0.53 -22.14 43.39
C GLN B 177 0.89 -21.93 42.95
N ASN B 178 1.09 -20.96 42.06
CA ASN B 178 2.42 -20.65 41.54
C ASN B 178 2.72 -19.15 41.58
N PRO B 179 2.85 -18.60 42.78
CA PRO B 179 3.16 -17.21 43.18
C PRO B 179 4.36 -16.59 42.41
N ASP B 180 5.24 -17.43 41.90
CA ASP B 180 6.44 -16.95 41.23
C ASP B 180 6.44 -16.99 39.71
N ILE B 181 5.31 -17.36 39.13
CA ILE B 181 5.21 -17.41 37.67
C ILE B 181 4.46 -16.16 37.24
N VAL B 182 5.01 -15.47 36.26
CA VAL B 182 4.33 -14.29 35.76
C VAL B 182 3.55 -14.53 34.47
N ILE B 183 2.28 -14.13 34.50
CA ILE B 183 1.38 -14.26 33.35
C ILE B 183 0.91 -12.88 32.92
N TYR B 184 1.16 -12.56 31.65
CA TYR B 184 0.81 -11.29 31.06
C TYR B 184 0.01 -11.53 29.77
N GLN B 185 -1.09 -10.82 29.65
CA GLN B 185 -1.91 -10.90 28.46
C GLN B 185 -1.63 -9.72 27.55
N TYR B 186 -1.39 -9.98 26.27
CA TYR B 186 -1.23 -8.93 25.31
C TYR B 186 -2.01 -9.33 24.08
N MET B 187 -3.06 -8.56 23.82
CA MET B 187 -3.93 -8.85 22.70
C MET B 187 -4.47 -10.26 22.81
N ASP B 188 -4.30 -11.09 21.77
CA ASP B 188 -4.80 -12.48 21.77
C ASP B 188 -3.89 -13.53 22.45
N ASP B 189 -2.75 -13.10 22.98
CA ASP B 189 -1.83 -14.04 23.64
C ASP B 189 -1.58 -13.85 25.11
N LEU B 190 -1.12 -14.94 25.71
CA LEU B 190 -0.76 -14.93 27.12
C LEU B 190 0.74 -15.15 27.13
N TYR B 191 1.44 -14.40 27.97
CA TYR B 191 2.90 -14.55 28.09
C TYR B 191 3.13 -15.09 29.49
N VAL B 192 3.77 -16.26 29.58
CA VAL B 192 3.97 -16.99 30.82
C VAL B 192 5.44 -17.17 31.14
N GLY B 193 5.93 -16.49 32.16
CA GLY B 193 7.36 -16.64 32.43
C GLY B 193 7.70 -17.30 33.73
N SER B 194 8.77 -18.08 33.74
CA SER B 194 9.21 -18.66 35.03
C SER B 194 10.71 -18.81 35.02
N ASP B 195 11.24 -19.10 36.20
CA ASP B 195 12.65 -19.36 36.35
C ASP B 195 12.90 -20.84 36.59
N LEU B 196 11.86 -21.67 36.40
CA LEU B 196 11.99 -23.11 36.59
C LEU B 196 12.90 -23.73 35.56
N GLU B 197 13.37 -24.92 35.88
CA GLU B 197 14.18 -25.67 34.94
C GLU B 197 13.22 -25.98 33.77
N ILE B 198 13.72 -26.14 32.56
CA ILE B 198 12.87 -26.31 31.39
C ILE B 198 11.76 -27.39 31.37
N GLY B 199 12.05 -28.59 31.85
CA GLY B 199 11.04 -29.63 31.88
C GLY B 199 9.96 -29.25 32.88
N GLN B 200 10.38 -28.62 33.95
CA GLN B 200 9.46 -28.17 34.97
C GLN B 200 8.62 -27.00 34.45
N HIS B 201 9.24 -26.12 33.64
CA HIS B 201 8.54 -25.00 33.03
C HIS B 201 7.48 -25.53 32.07
N ARG B 202 7.88 -26.43 31.17
CA ARG B 202 6.94 -27.06 30.22
C ARG B 202 5.79 -27.81 30.90
N THR B 203 6.09 -28.41 32.05
CA THR B 203 5.09 -29.09 32.87
C THR B 203 4.04 -28.14 33.44
N LYS B 204 4.48 -26.98 33.91
CA LYS B 204 3.57 -25.97 34.45
C LYS B 204 2.68 -25.38 33.33
N ILE B 205 3.28 -25.23 32.14
CA ILE B 205 2.57 -24.73 30.96
C ILE B 205 1.40 -25.67 30.58
N GLU B 206 1.66 -26.98 30.48
CA GLU B 206 0.62 -28.00 30.26
C GLU B 206 -0.46 -27.92 31.36
N GLU B 207 -0.05 -27.73 32.59
CA GLU B 207 -1.01 -27.54 33.68
C GLU B 207 -1.89 -26.32 33.44
N LEU B 208 -1.28 -25.21 33.05
CA LEU B 208 -2.00 -23.98 32.67
C LEU B 208 -2.98 -24.27 31.54
N ARG B 209 -2.55 -25.04 30.55
CA ARG B 209 -3.45 -25.38 29.44
C ARG B 209 -4.71 -26.12 29.92
N GLN B 210 -4.54 -26.89 31.00
CA GLN B 210 -5.66 -27.65 31.55
C GLN B 210 -6.70 -26.74 32.16
N HIS B 211 -6.25 -25.72 32.89
CA HIS B 211 -7.17 -24.70 33.42
C HIS B 211 -7.91 -23.94 32.30
N LEU B 212 -7.19 -23.50 31.26
CA LEU B 212 -7.81 -22.72 30.17
C LEU B 212 -8.86 -23.61 29.52
N LEU B 213 -8.49 -24.87 29.35
CA LEU B 213 -9.37 -25.87 28.74
C LEU B 213 -10.73 -26.05 29.43
N ARG B 214 -10.79 -25.74 30.74
CA ARG B 214 -12.05 -25.84 31.50
C ARG B 214 -12.98 -24.70 31.17
N TRP B 215 -12.44 -23.63 30.59
CA TRP B 215 -13.24 -22.46 30.20
C TRP B 215 -13.42 -22.27 28.70
N GLY B 216 -13.02 -23.26 27.91
CA GLY B 216 -13.11 -23.17 26.47
C GLY B 216 -11.76 -23.04 25.78
N LEU B 217 -10.97 -22.02 26.13
CA LEU B 217 -9.67 -21.80 25.47
C LEU B 217 -8.79 -23.05 25.26
N THR B 218 -7.91 -22.98 24.25
CA THR B 218 -7.00 -24.10 23.93
C THR B 218 -5.64 -23.64 23.35
N GLY B 234 3.81 -23.63 23.98
CA GLY B 234 3.70 -22.78 22.80
C GLY B 234 5.05 -22.26 22.29
N TYR B 235 5.04 -21.00 21.84
CA TYR B 235 6.26 -20.31 21.40
C TYR B 235 7.08 -20.11 22.67
N GLU B 236 8.40 -20.39 22.62
CA GLU B 236 9.33 -20.34 23.77
C GLU B 236 10.56 -19.38 23.75
N LEU B 237 10.50 -18.28 24.53
CA LEU B 237 11.59 -17.29 24.60
C LEU B 237 12.45 -17.41 25.84
N HIS B 238 13.58 -16.69 25.84
CA HIS B 238 14.46 -16.65 27.02
C HIS B 238 14.99 -15.23 27.10
N PRO B 239 14.17 -14.32 27.67
CA PRO B 239 14.46 -12.88 27.80
C PRO B 239 15.75 -12.63 28.58
N ASP B 240 15.92 -13.35 29.70
CA ASP B 240 17.11 -13.24 30.52
C ASP B 240 18.40 -13.48 29.68
N LYS B 241 18.26 -14.18 28.57
CA LYS B 241 19.39 -14.49 27.69
C LYS B 241 19.48 -13.46 26.56
N TRP B 242 18.69 -12.39 26.68
CA TRP B 242 18.71 -11.32 25.69
C TRP B 242 19.79 -10.34 26.17
N THR B 243 20.97 -10.46 25.59
CA THR B 243 22.10 -9.58 25.93
C THR B 243 22.50 -8.68 24.78
N VAL B 244 23.63 -8.00 24.98
CA VAL B 244 24.26 -7.05 24.05
C VAL B 244 23.99 -7.13 22.53
N GLN B 245 24.82 -6.38 21.81
CA GLN B 245 24.83 -6.26 20.35
C GLN B 245 25.53 -4.94 20.00
N PRO B 246 26.64 -4.63 20.70
CA PRO B 246 27.33 -3.36 20.51
C PRO B 246 27.64 -2.87 19.08
N ILE B 247 28.57 -1.93 19.07
CA ILE B 247 29.17 -1.40 17.88
C ILE B 247 30.56 -1.99 18.10
N VAL B 248 31.07 -2.70 17.11
CA VAL B 248 32.35 -3.35 17.25
C VAL B 248 33.37 -2.62 16.39
N LEU B 249 34.60 -2.60 16.87
CA LEU B 249 35.67 -1.91 16.17
C LEU B 249 36.64 -2.92 15.65
N PRO B 250 37.33 -2.61 14.56
CA PRO B 250 38.20 -3.69 14.11
C PRO B 250 39.50 -3.81 14.92
N GLU B 251 39.99 -5.05 15.02
CA GLU B 251 41.26 -5.36 15.67
C GLU B 251 42.22 -5.78 14.55
N LYS B 252 43.33 -5.05 14.39
CA LYS B 252 44.27 -5.43 13.35
C LYS B 252 45.73 -4.95 13.39
N ASP B 253 46.54 -5.61 12.56
CA ASP B 253 47.96 -5.33 12.38
C ASP B 253 47.99 -4.68 11.01
N SER B 254 48.88 -3.73 10.79
CA SER B 254 48.90 -3.06 9.49
C SER B 254 47.58 -2.31 9.27
N TRP B 255 47.63 -1.00 9.51
CA TRP B 255 46.49 -0.13 9.30
C TRP B 255 46.78 0.74 8.09
N THR B 256 45.75 0.92 7.26
CA THR B 256 45.88 1.70 6.07
C THR B 256 45.28 3.09 6.30
N VAL B 257 45.60 4.02 5.42
CA VAL B 257 45.01 5.37 5.42
C VAL B 257 43.48 5.13 5.31
N ASN B 258 43.10 4.36 4.29
CA ASN B 258 41.70 3.99 4.07
C ASN B 258 41.05 3.36 5.30
N ASP B 259 41.79 2.48 5.98
CA ASP B 259 41.33 1.81 7.21
C ASP B 259 41.08 2.78 8.34
N ILE B 260 41.96 3.77 8.46
CA ILE B 260 41.88 4.77 9.55
C ILE B 260 40.65 5.65 9.42
N GLN B 261 40.46 6.15 8.19
CA GLN B 261 39.31 6.97 7.81
C GLN B 261 38.02 6.24 8.16
N LYS B 262 37.92 4.99 7.73
CA LYS B 262 36.74 4.19 8.04
C LYS B 262 36.60 4.09 9.55
N LEU B 263 37.71 3.89 10.24
CA LEU B 263 37.63 3.84 11.69
C LEU B 263 37.12 5.14 12.31
N VAL B 264 37.62 6.33 11.90
CA VAL B 264 37.11 7.55 12.56
C VAL B 264 35.67 7.83 12.23
N GLY B 265 35.30 7.48 10.99
CA GLY B 265 33.94 7.60 10.48
C GLY B 265 32.99 6.85 11.38
N LYS B 266 33.36 5.62 11.72
CA LYS B 266 32.52 4.78 12.58
C LYS B 266 32.52 5.25 14.02
N LEU B 267 33.71 5.64 14.48
CA LEU B 267 33.86 6.18 15.84
C LEU B 267 33.14 7.50 15.97
N ASN B 268 33.35 8.37 14.98
CA ASN B 268 32.67 9.65 14.93
C ASN B 268 31.15 9.43 15.05
N TRP B 269 30.63 8.44 14.31
CA TRP B 269 29.22 8.13 14.42
C TRP B 269 28.85 7.45 15.75
N ALA B 270 29.73 6.56 16.26
CA ALA B 270 29.52 5.89 17.55
C ALA B 270 29.21 6.91 18.63
N SER B 271 29.97 8.01 18.64
CA SER B 271 29.71 9.13 19.55
C SER B 271 28.38 9.69 19.07
N GLN B 272 27.74 10.56 19.83
CA GLN B 272 26.38 11.07 19.52
C GLN B 272 25.43 10.16 20.26
N ILE B 273 25.81 8.89 20.33
CA ILE B 273 25.06 7.91 21.08
C ILE B 273 25.94 7.51 22.26
N TYR B 274 27.22 7.28 22.01
CA TYR B 274 28.14 6.95 23.10
C TYR B 274 29.04 8.11 23.45
N PRO B 275 29.02 8.54 24.72
CA PRO B 275 29.82 9.60 25.34
C PRO B 275 31.25 9.14 25.68
N GLY B 276 32.25 9.90 25.24
CA GLY B 276 33.64 9.60 25.53
C GLY B 276 34.48 9.29 24.30
N ILE B 277 33.83 8.85 23.22
CA ILE B 277 34.55 8.50 21.99
C ILE B 277 35.49 9.63 21.57
N LYS B 278 36.75 9.30 21.33
CA LYS B 278 37.78 10.30 20.94
C LYS B 278 38.53 9.94 19.65
N VAL B 279 38.80 10.95 18.84
CA VAL B 279 39.36 10.74 17.52
C VAL B 279 40.63 11.53 17.19
N ARG B 280 40.92 12.57 17.98
CA ARG B 280 42.08 13.44 17.74
C ARG B 280 43.34 12.71 17.36
N GLN B 281 43.70 11.74 18.22
CA GLN B 281 44.90 10.90 18.02
C GLN B 281 44.80 10.08 16.76
N LEU B 282 43.60 9.52 16.53
CA LEU B 282 43.38 8.72 15.33
C LEU B 282 43.55 9.62 14.10
N CYS B 283 43.02 10.83 14.18
CA CYS B 283 43.14 11.80 13.08
C CYS B 283 44.55 12.37 12.92
N LYS B 284 45.20 12.64 14.05
CA LYS B 284 46.57 13.15 14.02
C LYS B 284 47.40 12.20 13.15
N LEU B 285 47.09 10.92 13.21
CA LEU B 285 47.75 9.91 12.38
C LEU B 285 47.62 10.30 10.91
N LEU B 286 46.52 11.00 10.58
CA LEU B 286 46.22 11.39 9.20
C LEU B 286 46.40 12.89 8.92
N ARG B 287 47.65 13.34 8.75
CA ARG B 287 47.88 14.74 8.40
C ARG B 287 48.57 14.75 7.07
N GLY B 288 48.20 15.71 6.23
CA GLY B 288 48.73 15.76 4.90
C GLY B 288 47.68 15.24 3.96
N THR B 289 48.09 15.00 2.71
CA THR B 289 47.20 14.56 1.65
C THR B 289 47.69 13.20 1.14
N LYS B 290 47.41 12.18 1.94
CA LYS B 290 47.91 10.84 1.69
C LYS B 290 47.10 9.94 0.78
N ALA B 291 47.80 8.95 0.23
CA ALA B 291 47.18 7.93 -0.59
C ALA B 291 46.37 7.04 0.37
N LEU B 292 45.33 6.42 -0.16
CA LEU B 292 44.45 5.58 0.64
C LEU B 292 45.14 4.26 1.03
N THR B 293 45.95 3.75 0.09
CA THR B 293 46.67 2.49 0.27
C THR B 293 47.99 2.64 1.04
N GLU B 294 48.11 3.73 1.80
CA GLU B 294 49.33 3.99 2.55
C GLU B 294 49.24 3.36 3.92
N VAL B 295 50.12 2.41 4.17
CA VAL B 295 50.17 1.74 5.46
C VAL B 295 50.72 2.77 6.45
N ILE B 296 50.03 2.95 7.56
CA ILE B 296 50.47 3.94 8.51
C ILE B 296 50.51 3.39 9.92
N PRO B 297 51.72 3.22 10.46
CA PRO B 297 52.00 2.68 11.79
C PRO B 297 51.35 3.51 12.89
N LEU B 298 50.54 2.84 13.69
CA LEU B 298 49.78 3.43 14.78
C LEU B 298 50.63 3.91 15.96
N THR B 299 50.90 5.21 16.00
CA THR B 299 51.62 5.78 17.13
C THR B 299 50.88 5.37 18.40
N GLU B 300 51.60 4.73 19.31
CA GLU B 300 51.02 4.23 20.56
C GLU B 300 50.03 5.19 21.21
N GLU B 301 50.22 6.49 21.00
CA GLU B 301 49.29 7.48 21.52
C GLU B 301 47.87 7.15 21.03
N ALA B 302 47.79 6.81 19.74
CA ALA B 302 46.54 6.43 19.10
C ALA B 302 45.94 5.16 19.69
N GLU B 303 46.70 4.06 19.62
CA GLU B 303 46.24 2.75 20.13
C GLU B 303 45.57 2.82 21.49
N LEU B 304 45.95 3.83 22.27
CA LEU B 304 45.39 4.02 23.59
C LEU B 304 44.00 4.66 23.50
N GLU B 305 43.74 5.29 22.35
CA GLU B 305 42.46 5.94 22.07
C GLU B 305 41.33 4.96 21.73
N LEU B 306 41.52 4.14 20.69
CA LEU B 306 40.49 3.14 20.35
C LEU B 306 40.51 2.09 21.43
N ALA B 307 41.58 2.13 22.21
CA ALA B 307 41.76 1.26 23.36
C ALA B 307 40.63 1.60 24.34
N GLU B 308 40.53 2.87 24.72
CA GLU B 308 39.47 3.30 25.65
C GLU B 308 38.10 3.36 24.98
N ASN B 309 38.11 3.55 23.66
CA ASN B 309 36.88 3.59 22.90
C ASN B 309 36.28 2.20 22.87
N ARG B 310 37.13 1.21 22.56
CA ARG B 310 36.70 -0.18 22.54
C ARG B 310 36.06 -0.50 23.88
N GLU B 311 36.65 0.04 24.95
CA GLU B 311 36.11 -0.13 26.31
C GLU B 311 34.75 0.58 26.47
N ILE B 312 34.66 1.79 25.95
CA ILE B 312 33.42 2.56 25.99
C ILE B 312 32.32 1.74 25.33
N LEU B 313 32.58 1.32 24.10
CA LEU B 313 31.62 0.58 23.26
C LEU B 313 31.06 -0.74 23.81
N LYS B 314 31.84 -1.42 24.64
CA LYS B 314 31.40 -2.69 25.22
C LYS B 314 30.32 -2.53 26.30
N GLU B 315 30.19 -1.32 26.83
CA GLU B 315 29.23 -1.06 27.90
C GLU B 315 27.88 -0.48 27.45
N PRO B 316 26.93 -0.33 28.41
CA PRO B 316 25.61 0.19 28.04
C PRO B 316 25.54 1.70 27.96
N VAL B 317 24.43 2.20 27.42
CA VAL B 317 24.18 3.62 27.22
C VAL B 317 24.42 4.55 28.41
N HIS B 318 23.62 4.41 29.45
CA HIS B 318 23.68 5.33 30.60
C HIS B 318 22.92 6.61 30.27
N GLY B 319 21.80 6.81 30.94
CA GLY B 319 21.01 8.01 30.74
C GLY B 319 19.78 7.80 29.87
N VAL B 320 19.64 6.62 29.29
CA VAL B 320 18.49 6.33 28.44
C VAL B 320 17.52 5.44 29.19
N TYR B 321 16.29 5.90 29.33
CA TYR B 321 15.24 5.17 30.02
C TYR B 321 14.01 5.20 29.16
N TYR B 322 13.14 4.21 29.37
CA TYR B 322 11.87 4.15 28.66
C TYR B 322 10.91 5.22 29.15
N ASP B 323 10.23 5.90 28.23
CA ASP B 323 9.18 6.87 28.55
C ASP B 323 7.85 6.29 28.03
N PRO B 324 6.98 5.84 28.95
CA PRO B 324 5.70 5.17 28.67
C PRO B 324 4.70 6.02 27.90
N SER B 325 4.87 7.32 27.95
CA SER B 325 4.01 8.23 27.23
C SER B 325 4.53 8.40 25.80
N LYS B 326 5.64 7.74 25.45
CA LYS B 326 6.14 7.82 24.06
C LYS B 326 6.12 6.52 23.25
N ASP B 327 5.92 6.67 21.95
CA ASP B 327 5.92 5.56 20.99
C ASP B 327 7.33 4.99 20.89
N LEU B 328 7.41 3.70 20.55
CA LEU B 328 8.67 3.00 20.31
C LEU B 328 8.86 2.93 18.80
N ILE B 329 10.09 3.14 18.35
CA ILE B 329 10.40 3.09 16.94
C ILE B 329 11.44 2.02 16.83
N ALA B 330 11.44 1.34 15.68
CA ALA B 330 12.41 0.27 15.39
C ALA B 330 12.90 0.51 13.97
N GLU B 331 14.21 0.52 13.83
CA GLU B 331 14.86 0.65 12.52
C GLU B 331 15.59 -0.66 12.25
N ILE B 332 15.57 -1.11 11.01
CA ILE B 332 16.18 -2.39 10.58
C ILE B 332 17.04 -2.16 9.35
N GLN B 333 18.25 -2.74 9.33
CA GLN B 333 19.17 -2.66 8.18
C GLN B 333 19.46 -4.04 7.61
N LYS B 334 19.39 -4.15 6.29
CA LYS B 334 19.74 -5.41 5.60
C LYS B 334 21.29 -5.50 5.57
N GLN B 335 21.88 -6.42 6.33
CA GLN B 335 23.37 -6.54 6.34
C GLN B 335 23.92 -7.46 5.24
N GLY B 336 23.09 -8.36 4.73
CA GLY B 336 23.53 -9.25 3.69
C GLY B 336 23.74 -10.62 4.25
N GLN B 337 23.75 -11.59 3.34
CA GLN B 337 23.92 -13.01 3.69
C GLN B 337 23.12 -13.52 4.88
N GLY B 338 21.83 -13.17 4.89
CA GLY B 338 20.90 -13.61 5.91
C GLY B 338 20.81 -12.77 7.16
N GLN B 339 21.64 -11.75 7.27
CA GLN B 339 21.72 -10.96 8.50
C GLN B 339 20.99 -9.64 8.45
N TRP B 340 20.39 -9.28 9.57
CA TRP B 340 19.67 -8.03 9.69
C TRP B 340 19.97 -7.40 11.03
N THR B 341 20.15 -6.07 11.05
CA THR B 341 20.38 -5.39 12.31
C THR B 341 19.20 -4.49 12.68
N TYR B 342 19.03 -4.27 13.98
CA TYR B 342 17.95 -3.43 14.41
C TYR B 342 18.22 -2.68 15.71
N GLN B 343 17.52 -1.56 15.84
CA GLN B 343 17.66 -0.68 16.99
C GLN B 343 16.23 -0.22 17.33
N ILE B 344 15.89 -0.16 18.62
CA ILE B 344 14.60 0.32 19.06
C ILE B 344 14.88 1.56 19.87
N TYR B 345 14.14 2.63 19.68
CA TYR B 345 14.33 3.84 20.47
C TYR B 345 13.10 4.71 20.41
N GLN B 346 13.11 5.77 21.21
CA GLN B 346 11.98 6.72 21.26
C GLN B 346 12.48 8.08 20.80
N GLU B 347 13.73 8.37 21.13
CA GLU B 347 14.38 9.61 20.71
C GLU B 347 15.51 9.12 19.87
N PRO B 348 15.72 9.74 18.71
CA PRO B 348 16.80 9.13 17.92
C PRO B 348 18.16 9.21 18.57
N PHE B 349 18.91 8.11 18.47
CA PHE B 349 20.23 7.97 19.09
C PHE B 349 20.19 7.46 20.51
N LYS B 350 19.01 7.48 21.12
CA LYS B 350 18.84 7.02 22.51
C LYS B 350 18.31 5.61 22.45
N ASN B 351 19.18 4.69 22.06
CA ASN B 351 18.81 3.29 21.89
C ASN B 351 18.44 2.57 23.16
N LEU B 352 17.22 2.05 23.19
CA LEU B 352 16.73 1.29 24.34
C LEU B 352 17.25 -0.14 24.18
N LYS B 353 17.39 -0.57 22.93
CA LYS B 353 17.80 -1.94 22.62
C LYS B 353 18.34 -2.02 21.22
N THR B 354 19.28 -2.93 21.02
CA THR B 354 19.84 -3.18 19.71
C THR B 354 19.98 -4.67 19.62
N GLY B 355 19.96 -5.19 18.41
CA GLY B 355 20.13 -6.62 18.28
C GLY B 355 20.41 -6.99 16.86
N LYS B 356 20.26 -8.26 16.56
CA LYS B 356 20.48 -8.77 15.22
C LYS B 356 19.48 -9.89 15.00
N TYR B 357 19.30 -10.27 13.75
CA TYR B 357 18.45 -11.41 13.45
C TYR B 357 19.09 -12.11 12.27
N ALA B 358 19.24 -13.42 12.34
CA ALA B 358 19.85 -14.17 11.24
C ALA B 358 19.09 -15.43 10.84
N ARG B 359 19.05 -15.66 9.52
CA ARG B 359 18.41 -16.84 8.94
C ARG B 359 19.09 -18.11 9.48
N HIS B 364 15.07 -22.12 2.10
CA HIS B 364 14.37 -21.24 1.16
C HIS B 364 13.96 -19.92 1.81
N THR B 365 14.78 -18.87 1.62
CA THR B 365 14.54 -17.56 2.27
C THR B 365 14.88 -16.34 1.44
N ASN B 366 13.86 -15.59 1.05
CA ASN B 366 14.11 -14.34 0.36
C ASN B 366 14.23 -13.22 1.39
N ASP B 367 14.46 -12.02 0.90
CA ASP B 367 14.63 -10.82 1.70
C ASP B 367 13.36 -10.50 2.49
N VAL B 368 12.20 -10.64 1.82
CA VAL B 368 10.89 -10.36 2.41
C VAL B 368 10.54 -11.35 3.52
N LYS B 369 10.78 -12.62 3.28
CA LYS B 369 10.50 -13.63 4.27
C LYS B 369 11.36 -13.39 5.54
N GLN B 370 12.64 -13.11 5.33
CA GLN B 370 13.56 -12.80 6.44
C GLN B 370 13.21 -11.51 7.19
N LEU B 371 12.79 -10.48 6.47
CA LEU B 371 12.45 -9.21 7.06
C LEU B 371 11.15 -9.39 7.87
N THR B 372 10.28 -10.21 7.34
CA THR B 372 9.01 -10.58 7.95
C THR B 372 9.21 -11.30 9.28
N GLU B 373 10.17 -12.21 9.35
CA GLU B 373 10.46 -12.86 10.63
C GLU B 373 11.18 -11.92 11.59
N ALA B 374 12.02 -11.03 11.09
CA ALA B 374 12.76 -10.12 11.97
C ALA B 374 11.77 -9.17 12.66
N VAL B 375 10.80 -8.72 11.88
CA VAL B 375 9.76 -7.83 12.40
C VAL B 375 8.95 -8.50 13.52
N GLN B 376 8.56 -9.75 13.32
CA GLN B 376 7.76 -10.42 14.33
C GLN B 376 8.58 -10.67 15.57
N LYS B 377 9.86 -10.97 15.37
CA LYS B 377 10.77 -11.25 16.48
C LYS B 377 11.01 -10.01 17.34
N ILE B 378 11.21 -8.88 16.67
CA ILE B 378 11.42 -7.60 17.36
C ILE B 378 10.16 -7.18 18.08
N THR B 379 9.01 -7.35 17.44
CA THR B 379 7.75 -7.01 18.07
C THR B 379 7.55 -7.84 19.33
N THR B 380 7.74 -9.15 19.26
CA THR B 380 7.51 -9.98 20.47
C THR B 380 8.40 -9.59 21.69
N GLU B 381 9.68 -9.26 21.45
CA GLU B 381 10.62 -8.84 22.52
C GLU B 381 10.12 -7.54 23.12
N SER B 382 9.65 -6.68 22.23
CA SER B 382 9.13 -5.36 22.59
C SER B 382 7.88 -5.51 23.48
N ILE B 383 7.00 -6.43 23.12
CA ILE B 383 5.82 -6.71 23.97
C ILE B 383 6.26 -7.23 25.37
N VAL B 384 7.25 -8.12 25.36
CA VAL B 384 7.75 -8.71 26.57
C VAL B 384 8.41 -7.67 27.44
N ILE B 385 9.25 -6.84 26.83
CA ILE B 385 9.99 -5.80 27.54
C ILE B 385 9.18 -4.61 27.99
N TRP B 386 8.36 -4.05 27.10
CA TRP B 386 7.59 -2.82 27.40
C TRP B 386 6.07 -2.91 27.34
N GLY B 387 5.51 -4.03 26.85
CA GLY B 387 4.05 -4.12 26.77
C GLY B 387 3.48 -3.35 25.58
N LYS B 388 4.35 -3.05 24.63
CA LYS B 388 3.88 -2.38 23.46
C LYS B 388 4.70 -2.66 22.22
N THR B 389 4.09 -2.50 21.06
CA THR B 389 4.79 -2.77 19.82
C THR B 389 5.46 -1.52 19.24
N PRO B 390 6.57 -1.69 18.50
CA PRO B 390 7.26 -0.53 17.88
C PRO B 390 6.65 -0.13 16.53
N LYS B 391 6.89 1.10 16.08
CA LYS B 391 6.50 1.50 14.72
C LYS B 391 7.76 1.25 13.91
N PHE B 392 7.64 0.38 12.91
CA PHE B 392 8.77 0.00 12.08
C PHE B 392 9.04 0.87 10.87
N LYS B 393 10.33 1.05 10.60
CA LYS B 393 10.79 1.76 9.40
C LYS B 393 11.42 0.67 8.54
N LEU B 394 10.73 0.25 7.49
CA LEU B 394 11.15 -0.91 6.68
C LEU B 394 11.92 -0.59 5.43
N PRO B 395 13.10 -1.20 5.25
CA PRO B 395 13.94 -0.92 4.07
C PRO B 395 13.40 -1.70 2.88
N ILE B 396 12.23 -1.31 2.39
CA ILE B 396 11.59 -2.02 1.29
C ILE B 396 10.55 -1.14 0.61
N GLN B 397 10.28 -1.44 -0.66
CA GLN B 397 9.26 -0.72 -1.41
C GLN B 397 7.92 -1.12 -0.81
N LYS B 398 7.07 -0.13 -0.48
CA LYS B 398 5.74 -0.37 0.10
C LYS B 398 4.95 -1.53 -0.53
N GLU B 399 4.80 -1.42 -1.85
CA GLU B 399 4.05 -2.38 -2.67
C GLU B 399 4.60 -3.76 -2.60
N THR B 400 5.91 -3.89 -2.48
CA THR B 400 6.50 -5.23 -2.37
C THR B 400 6.12 -5.81 -1.04
N TRP B 401 6.23 -5.00 0.00
CA TRP B 401 5.90 -5.47 1.32
C TRP B 401 4.44 -5.89 1.32
N GLU B 402 3.58 -4.99 0.83
CA GLU B 402 2.14 -5.20 0.78
C GLU B 402 1.68 -6.48 0.16
N THR B 403 2.24 -6.82 -1.01
CA THR B 403 1.89 -8.09 -1.62
C THR B 403 2.45 -9.33 -0.94
N TRP B 404 3.60 -9.22 -0.29
CA TRP B 404 4.23 -10.41 0.31
C TRP B 404 4.11 -10.73 1.79
N TRP B 405 3.96 -9.72 2.64
CA TRP B 405 3.98 -9.96 4.09
C TRP B 405 3.15 -11.06 4.70
N THR B 406 1.94 -11.25 4.18
CA THR B 406 1.02 -12.28 4.76
C THR B 406 1.43 -13.66 4.35
N GLU B 407 2.31 -13.72 3.35
CA GLU B 407 2.83 -15.01 2.90
C GLU B 407 3.66 -15.68 3.95
N TYR B 408 4.21 -14.91 4.86
CA TYR B 408 5.05 -15.47 5.90
C TYR B 408 4.68 -15.01 7.31
N TRP B 409 3.67 -14.16 7.43
CA TRP B 409 3.22 -13.65 8.73
C TRP B 409 2.56 -14.76 9.50
N GLN B 410 2.89 -14.86 10.79
CA GLN B 410 2.31 -15.88 11.62
C GLN B 410 1.64 -15.34 12.85
N ALA B 411 2.02 -14.13 13.24
CA ALA B 411 1.52 -13.50 14.49
C ALA B 411 0.07 -13.07 14.32
N THR B 412 -0.63 -12.91 15.44
CA THR B 412 -2.05 -12.53 15.44
C THR B 412 -2.27 -11.04 15.56
N TRP B 413 -1.20 -10.29 15.86
CA TRP B 413 -1.20 -8.83 15.92
C TRP B 413 -0.48 -8.28 14.66
N ILE B 414 -0.58 -6.97 14.45
CA ILE B 414 0.13 -6.32 13.35
C ILE B 414 0.69 -5.01 13.84
N PRO B 415 2.02 -4.84 13.80
CA PRO B 415 2.58 -3.55 14.20
C PRO B 415 2.35 -2.44 13.16
N GLU B 416 2.58 -1.19 13.58
CA GLU B 416 2.56 -0.05 12.66
C GLU B 416 3.88 -0.06 11.83
N TRP B 417 3.83 0.38 10.59
CA TRP B 417 5.06 0.44 9.82
C TRP B 417 5.06 1.56 8.78
N GLU B 418 6.27 2.01 8.44
CA GLU B 418 6.56 3.03 7.41
C GLU B 418 7.64 2.39 6.53
N PHE B 419 7.88 3.02 5.36
CA PHE B 419 8.84 2.53 4.40
C PHE B 419 9.90 3.56 4.18
N VAL B 420 11.14 3.15 4.41
CA VAL B 420 12.26 4.07 4.32
C VAL B 420 13.32 3.55 3.38
N ASN B 421 14.31 4.40 3.14
CA ASN B 421 15.46 4.05 2.30
C ASN B 421 16.66 4.10 3.25
N THR B 422 17.23 2.95 3.57
CA THR B 422 18.38 2.90 4.49
C THR B 422 19.52 3.88 4.12
N PRO B 423 19.97 4.68 5.11
CA PRO B 423 21.11 5.57 4.90
C PRO B 423 22.32 4.70 4.65
N PRO B 424 23.17 5.07 3.68
CA PRO B 424 24.36 4.32 3.27
C PRO B 424 25.29 3.84 4.41
N LEU B 425 25.75 4.77 5.23
CA LEU B 425 26.68 4.48 6.31
C LEU B 425 26.08 3.74 7.54
N VAL B 426 24.85 4.08 7.88
CA VAL B 426 24.13 3.45 8.99
C VAL B 426 24.30 1.91 9.06
N LYS B 427 24.23 1.25 7.90
CA LYS B 427 24.43 -0.20 7.82
C LYS B 427 25.85 -0.66 8.22
N LEU B 428 26.88 0.08 7.80
CA LEU B 428 28.26 -0.28 8.12
C LEU B 428 28.59 -0.04 9.58
N TRP B 429 27.97 0.99 10.15
CA TRP B 429 28.19 1.32 11.55
C TRP B 429 27.59 0.28 12.51
N TYR B 430 26.63 -0.51 12.01
CA TYR B 430 25.96 -1.52 12.83
C TYR B 430 26.34 -2.95 12.49
N GLN B 431 27.22 -3.11 11.51
CA GLN B 431 27.72 -4.43 11.12
C GLN B 431 28.60 -5.04 12.23
BR MRX C . -19.84 -10.93 -24.05
C6 MRX C . -19.01 -11.78 -22.51
C1 MRX C . -19.46 -11.64 -21.18
C5 MRX C . -17.90 -12.64 -22.72
C4 MRX C . -17.30 -13.35 -21.67
C3 MRX C . -17.75 -13.15 -20.37
N9 MRX C . -17.34 -13.69 -19.13
C8 MRX C . -18.04 -13.25 -18.04
C18 MRX C . -17.61 -13.75 -16.79
N20 MRX C . -18.14 -13.46 -15.50
O19 MRX C . -16.59 -14.54 -16.81
C7 MRX C . -19.03 -12.39 -18.59
C2 MRX C . -18.85 -12.31 -20.08
S10 MRX C . -20.25 -11.48 -17.69
O16 MRX C . -20.24 -11.94 -16.29
O17 MRX C . -21.30 -11.31 -18.67
N11 MRX C . -19.71 -9.80 -17.53
C15 MRX C . -18.53 -9.44 -16.68
C14 MRX C . -18.10 -8.03 -16.98
C13 MRX C . -19.13 -7.64 -18.08
C12 MRX C . -19.45 -8.98 -18.75
#